data_4NEV
#
_entry.id   4NEV
#
_cell.length_a   117.200
_cell.length_b   117.200
_cell.length_c   224.600
_cell.angle_alpha   90.00
_cell.angle_beta   90.00
_cell.angle_gamma   90.00
#
_symmetry.space_group_name_H-M   'P 43 21 2'
#
loop_
_entity.id
_entity.type
_entity.pdbx_description
1 polymer 'Trypanothione reductase'
2 non-polymer 'FLAVIN-ADENINE DINUCLEOTIDE'
3 non-polymer 5-{5-[1-(pyrrolidin-1-yl)cyclohexyl]-1,3-thiazol-2-yl}-1H-indole
4 non-polymer 'SULFATE ION'
5 non-polymer '4-(2-HYDROXYETHYL)-1-PIPERAZINE ETHANESULFONIC ACID'
6 water water
#
_entity_poly.entity_id   1
_entity_poly.type   'polypeptide(L)'
_entity_poly.pdbx_seq_one_letter_code
;GSHMSKAFDLVVIGAGSGGLEAGWNAATLYGKRVAVVDVQTSHGPPFYAALGGTCVNVGCVPKKLMVTGAQYMDHLRESA
GFGWEFDGSSVKANWKKLIAAKNEAVLDINKSYEGMFNDTEGLDFFLGWGSLESKNVVVVRETADPKSAVKERLQADHIL
LATGSWPQMPAIPGIEHCISSNEAFYLPEPPRRVLTVGGGFISVEFAGIFNAYKPPGGKVTLCYRNNLILRGFDETIREE
VTKQLTANGIEIMTNENPAKVSLNTDGSKHVTFESGKTLDVDVVMMAIGRIPRTNDLQLGNVGVKLTPKGGVQVDEFSRT
NVPNIYAIGDITDRLMLTPVAINEGAALVDTVFGNKPRKTDHTRVASAVFSIPPIGTCGLIEEVAAKEFEKVAVYMSSFT
PLMHNISGSKYKKFVAKIVTNHSDGTVLGVHLLGDGAPEIIQAVGVCLRLNAKISDFYNTIGVHPTSAEELCSMRTPSYY
YVKGEKMEKLPDSNL
;
_entity_poly.pdbx_strand_id   A,B
#
# COMPACT_ATOMS: atom_id res chain seq x y z
N ALA A 7 35.36 13.72 -29.61
CA ALA A 7 34.04 14.12 -30.17
C ALA A 7 33.02 14.38 -29.05
N PHE A 8 32.13 13.42 -28.81
CA PHE A 8 31.17 13.44 -27.69
C PHE A 8 30.29 14.69 -27.59
N ASP A 9 29.01 14.51 -27.94
CA ASP A 9 27.99 15.53 -27.71
C ASP A 9 27.75 15.76 -26.22
N LEU A 10 27.82 14.67 -25.45
CA LEU A 10 27.62 14.74 -24.00
C LEU A 10 28.60 13.80 -23.29
N VAL A 11 29.25 14.32 -22.25
CA VAL A 11 29.98 13.46 -21.32
C VAL A 11 29.39 13.60 -19.92
N VAL A 12 29.17 12.47 -19.27
CA VAL A 12 28.55 12.45 -17.95
C VAL A 12 29.57 11.97 -16.92
N ILE A 13 29.77 12.77 -15.88
CA ILE A 13 30.59 12.36 -14.74
C ILE A 13 29.68 11.83 -13.64
N GLY A 14 29.67 10.50 -13.47
CA GLY A 14 28.84 9.83 -12.46
C GLY A 14 27.72 9.04 -13.10
N ALA A 15 27.87 7.72 -13.09
CA ALA A 15 26.91 6.82 -13.73
C ALA A 15 25.83 6.37 -12.75
N GLY A 16 25.13 7.35 -12.16
CA GLY A 16 24.13 7.09 -11.13
C GLY A 16 22.71 7.19 -11.65
N SER A 17 21.79 7.53 -10.76
CA SER A 17 20.37 7.61 -11.11
C SER A 17 20.15 8.67 -12.19
N GLY A 18 20.65 9.87 -11.95
CA GLY A 18 20.49 10.97 -12.89
C GLY A 18 21.37 10.83 -14.13
N GLY A 19 22.62 10.46 -13.92
CA GLY A 19 23.59 10.36 -15.00
C GLY A 19 23.22 9.33 -16.05
N LEU A 20 22.78 8.15 -15.61
CA LEU A 20 22.44 7.07 -16.52
C LEU A 20 21.19 7.37 -17.34
N GLU A 21 20.26 8.11 -16.76
CA GLU A 21 19.02 8.45 -17.46
C GLU A 21 19.32 9.47 -18.54
N ALA A 22 20.03 10.54 -18.18
CA ALA A 22 20.44 11.56 -19.13
C ALA A 22 21.21 10.96 -20.31
N GLY A 23 22.10 10.01 -20.01
CA GLY A 23 22.96 9.40 -21.02
C GLY A 23 22.23 8.45 -21.96
N TRP A 24 21.28 7.68 -21.41
CA TRP A 24 20.46 6.78 -22.22
C TRP A 24 19.48 7.58 -23.07
N ASN A 25 18.81 8.54 -22.45
CA ASN A 25 17.99 9.50 -23.18
C ASN A 25 18.87 10.51 -23.90
N ALA A 26 19.44 10.07 -25.02
CA ALA A 26 20.41 10.87 -25.77
C ALA A 26 21.06 10.01 -26.84
N ALA A 27 21.56 8.85 -26.42
CA ALA A 27 22.10 7.84 -27.33
C ALA A 27 20.99 7.11 -28.07
N THR A 28 19.92 6.75 -27.35
CA THR A 28 18.82 5.97 -27.92
C THR A 28 17.71 6.84 -28.48
N LEU A 29 17.43 7.97 -27.82
CA LEU A 29 16.34 8.84 -28.23
C LEU A 29 16.75 9.82 -29.33
N TYR A 30 17.99 10.28 -29.31
CA TYR A 30 18.46 11.32 -30.24
C TYR A 30 19.77 10.98 -30.97
N GLY A 31 20.20 9.72 -30.88
CA GLY A 31 21.38 9.25 -31.61
C GLY A 31 22.61 10.11 -31.38
N LYS A 32 22.81 10.56 -30.15
CA LYS A 32 23.97 11.39 -29.80
C LYS A 32 25.10 10.52 -29.26
N ARG A 33 26.30 11.09 -29.22
CA ARG A 33 27.47 10.39 -28.70
C ARG A 33 27.68 10.73 -27.23
N VAL A 34 27.69 9.71 -26.38
CA VAL A 34 27.68 9.90 -24.94
C VAL A 34 28.78 9.07 -24.28
N ALA A 35 29.57 9.73 -23.44
CA ALA A 35 30.49 9.05 -22.56
C ALA A 35 29.94 9.11 -21.15
N VAL A 36 30.21 8.07 -20.37
CA VAL A 36 29.83 8.05 -18.97
C VAL A 36 31.01 7.59 -18.13
N VAL A 37 31.32 8.35 -17.08
CA VAL A 37 32.46 8.04 -16.22
C VAL A 37 31.98 7.69 -14.81
N ASP A 38 32.41 6.53 -14.31
CA ASP A 38 32.21 6.16 -12.92
C ASP A 38 33.43 5.43 -12.40
N VAL A 39 33.60 5.44 -11.08
CA VAL A 39 34.86 5.00 -10.46
C VAL A 39 34.93 3.49 -10.21
N GLN A 40 33.82 2.78 -10.40
CA GLN A 40 33.80 1.31 -10.32
C GLN A 40 32.80 0.71 -11.30
N THR A 41 32.98 -0.57 -11.59
CA THR A 41 32.04 -1.32 -12.44
C THR A 41 31.03 -2.09 -11.59
N SER A 42 31.37 -2.31 -10.32
CA SER A 42 30.56 -3.15 -9.43
C SER A 42 30.53 -2.56 -8.03
N HIS A 43 29.44 -2.85 -7.31
CA HIS A 43 29.26 -2.38 -5.94
C HIS A 43 30.42 -2.79 -5.04
N GLY A 44 30.68 -2.00 -4.02
CA GLY A 44 31.48 -2.44 -2.87
C GLY A 44 32.71 -1.60 -2.58
N PRO A 45 33.43 -1.93 -1.49
CA PRO A 45 34.69 -1.25 -1.16
C PRO A 45 35.66 -1.26 -2.34
N PRO A 46 36.51 -0.21 -2.45
CA PRO A 46 36.67 0.87 -1.50
C PRO A 46 35.84 2.13 -1.79
N PHE A 47 35.19 2.19 -2.95
CA PHE A 47 34.42 3.38 -3.32
C PHE A 47 32.90 3.18 -3.19
N TYR A 48 32.49 1.96 -2.84
CA TYR A 48 31.10 1.66 -2.45
C TYR A 48 30.09 1.93 -3.55
N ALA A 49 29.79 3.21 -3.79
CA ALA A 49 28.99 3.60 -4.95
C ALA A 49 29.76 3.23 -6.22
N ALA A 50 29.01 2.89 -7.27
CA ALA A 50 29.61 2.39 -8.50
C ALA A 50 28.64 2.58 -9.65
N LEU A 51 28.95 1.95 -10.78
CA LEU A 51 28.07 1.93 -11.93
C LEU A 51 26.64 1.62 -11.47
N GLY A 52 25.71 2.53 -11.76
CA GLY A 52 24.32 2.38 -11.33
C GLY A 52 23.90 3.49 -10.38
N GLY A 53 24.82 3.90 -9.52
CA GLY A 53 24.61 5.03 -8.63
C GLY A 53 24.60 4.63 -7.18
N THR A 54 24.26 5.59 -6.32
CA THR A 54 24.17 5.33 -4.88
C THR A 54 22.94 4.49 -4.58
N CYS A 55 21.85 4.81 -5.27
CA CYS A 55 20.60 4.08 -5.12
C CYS A 55 20.81 2.58 -5.33
N VAL A 56 21.43 2.23 -6.45
CA VAL A 56 21.58 0.84 -6.87
C VAL A 56 22.58 0.07 -6.00
N ASN A 57 23.68 0.72 -5.64
CA ASN A 57 24.79 0.04 -4.99
C ASN A 57 24.76 0.12 -3.47
N VAL A 58 24.54 1.32 -2.94
CA VAL A 58 24.52 1.52 -1.49
C VAL A 58 23.43 2.50 -1.06
N GLY A 59 22.21 2.28 -1.59
CA GLY A 59 21.05 3.12 -1.26
C GLY A 59 19.72 2.39 -1.40
N CYS A 60 18.75 3.04 -2.05
CA CYS A 60 17.37 2.59 -2.07
C CYS A 60 17.22 1.07 -2.19
N VAL A 61 17.85 0.50 -3.22
CA VAL A 61 17.58 -0.89 -3.61
C VAL A 61 18.00 -1.92 -2.56
N PRO A 62 19.30 -1.94 -2.18
CA PRO A 62 19.73 -2.91 -1.17
C PRO A 62 19.11 -2.64 0.21
N LYS A 63 18.87 -1.38 0.52
CA LYS A 63 18.25 -1.00 1.78
C LYS A 63 16.83 -1.56 1.88
N LYS A 64 16.06 -1.44 0.80
CA LYS A 64 14.70 -1.96 0.77
C LYS A 64 14.73 -3.46 1.10
N LEU A 65 15.63 -4.17 0.42
CA LEU A 65 15.79 -5.61 0.65
C LEU A 65 16.15 -5.90 2.10
N MET A 66 16.92 -5.02 2.72
CA MET A 66 17.38 -5.24 4.09
C MET A 66 16.28 -4.92 5.09
N VAL A 67 15.49 -3.89 4.79
CA VAL A 67 14.29 -3.59 5.58
C VAL A 67 13.30 -4.74 5.46
N THR A 68 12.98 -5.13 4.23
CA THR A 68 12.13 -6.28 4.00
C THR A 68 12.63 -7.49 4.78
N GLY A 69 13.94 -7.67 4.84
CA GLY A 69 14.54 -8.72 5.66
C GLY A 69 14.24 -8.52 7.13
N ALA A 70 14.33 -7.27 7.58
CA ALA A 70 14.18 -6.94 8.99
C ALA A 70 12.73 -7.07 9.46
N GLN A 71 11.79 -6.79 8.57
CA GLN A 71 10.36 -6.90 8.89
C GLN A 71 10.00 -8.31 9.38
N TYR A 72 10.72 -9.31 8.90
CA TYR A 72 10.46 -10.70 9.29
C TYR A 72 10.58 -10.94 10.79
N MET A 73 11.36 -10.13 11.50
CA MET A 73 11.38 -10.23 12.95
C MET A 73 9.99 -9.98 13.53
N ASP A 74 9.31 -8.98 12.98
CA ASP A 74 7.93 -8.68 13.37
C ASP A 74 6.98 -9.78 12.92
N HIS A 75 7.03 -10.12 11.63
CA HIS A 75 6.16 -11.14 11.09
C HIS A 75 6.22 -12.42 11.93
N LEU A 76 7.43 -12.83 12.29
CA LEU A 76 7.62 -14.03 13.11
C LEU A 76 6.94 -13.90 14.47
N ARG A 77 7.17 -12.77 15.14
CA ARG A 77 6.57 -12.51 16.44
C ARG A 77 5.04 -12.44 16.33
N GLU A 78 4.56 -11.73 15.31
CA GLU A 78 3.14 -11.43 15.18
C GLU A 78 2.30 -12.63 14.70
N SER A 79 2.95 -13.61 14.09
CA SER A 79 2.26 -14.79 13.59
C SER A 79 1.56 -15.60 14.70
N ALA A 80 2.10 -15.52 15.92
CA ALA A 80 1.57 -16.31 17.04
C ALA A 80 0.11 -15.96 17.34
N GLY A 81 -0.21 -14.66 17.25
CA GLY A 81 -1.57 -14.19 17.46
C GLY A 81 -2.57 -14.77 16.46
N PHE A 82 -2.07 -15.21 15.30
CA PHE A 82 -2.91 -15.79 14.26
C PHE A 82 -2.80 -17.32 14.24
N GLY A 83 -2.20 -17.87 15.28
CA GLY A 83 -2.21 -19.32 15.51
C GLY A 83 -0.93 -20.03 15.13
N TRP A 84 0.08 -19.31 14.66
CA TRP A 84 1.30 -19.93 14.19
C TRP A 84 2.26 -20.22 15.34
N GLU A 85 2.78 -21.44 15.35
CA GLU A 85 3.82 -21.83 16.32
C GLU A 85 5.02 -22.45 15.61
N PHE A 86 6.19 -22.23 16.17
CA PHE A 86 7.43 -22.86 15.72
C PHE A 86 8.46 -22.73 16.83
N ASP A 87 9.55 -23.48 16.71
CA ASP A 87 10.55 -23.53 17.78
C ASP A 87 11.24 -22.17 17.89
N GLY A 88 10.81 -21.39 18.88
CA GLY A 88 11.24 -20.01 19.04
C GLY A 88 12.74 -19.85 19.22
N SER A 89 13.34 -20.67 20.07
CA SER A 89 14.76 -20.56 20.36
C SER A 89 15.63 -21.36 19.39
N SER A 90 15.07 -21.69 18.22
CA SER A 90 15.88 -22.14 17.08
C SER A 90 16.00 -21.03 16.03
N VAL A 91 15.39 -19.88 16.31
CA VAL A 91 15.33 -18.79 15.33
C VAL A 91 16.64 -18.02 15.30
N LYS A 92 17.14 -17.79 14.09
CA LYS A 92 18.40 -17.11 13.89
C LYS A 92 18.29 -16.17 12.70
N ALA A 93 18.67 -14.90 12.92
CA ALA A 93 18.72 -13.92 11.85
C ALA A 93 20.14 -13.89 11.28
N ASN A 94 20.29 -14.47 10.08
CA ASN A 94 21.61 -14.65 9.47
C ASN A 94 21.96 -13.47 8.56
N TRP A 95 22.62 -12.48 9.16
CA TRP A 95 23.09 -11.27 8.48
C TRP A 95 23.93 -11.56 7.24
N LYS A 96 24.72 -12.63 7.31
CA LYS A 96 25.72 -12.94 6.29
C LYS A 96 25.03 -13.51 5.05
N LYS A 97 23.93 -14.22 5.27
CA LYS A 97 23.13 -14.78 4.19
C LYS A 97 22.34 -13.65 3.52
N LEU A 98 21.93 -12.67 4.32
CA LEU A 98 21.16 -11.52 3.83
C LEU A 98 22.02 -10.65 2.93
N ILE A 99 23.20 -10.29 3.43
CA ILE A 99 24.13 -9.47 2.68
C ILE A 99 24.56 -10.16 1.39
N ALA A 100 24.87 -11.45 1.49
CA ALA A 100 25.21 -12.25 0.32
C ALA A 100 24.08 -12.20 -0.72
N ALA A 101 22.84 -12.28 -0.25
CA ALA A 101 21.68 -12.23 -1.14
C ALA A 101 21.48 -10.82 -1.71
N LYS A 102 21.80 -9.82 -0.90
CA LYS A 102 21.78 -8.43 -1.36
C LYS A 102 22.88 -8.19 -2.39
N ASN A 103 24.09 -8.66 -2.10
CA ASN A 103 25.23 -8.49 -3.00
C ASN A 103 24.97 -9.05 -4.38
N GLU A 104 24.38 -10.25 -4.44
CA GLU A 104 24.09 -10.87 -5.73
C GLU A 104 22.99 -10.13 -6.48
N ALA A 105 22.08 -9.49 -5.75
CA ALA A 105 21.00 -8.72 -6.38
C ALA A 105 21.54 -7.45 -7.02
N VAL A 106 22.43 -6.77 -6.31
CA VAL A 106 23.05 -5.54 -6.80
C VAL A 106 23.97 -5.84 -7.98
N LEU A 107 24.84 -6.84 -7.81
CA LEU A 107 25.78 -7.26 -8.85
C LEU A 107 25.06 -7.69 -10.14
N ASP A 108 23.85 -8.22 -10.02
CA ASP A 108 23.02 -8.52 -11.19
C ASP A 108 22.66 -7.23 -11.95
N ILE A 109 22.40 -6.16 -11.20
CA ILE A 109 22.06 -4.88 -11.81
C ILE A 109 23.32 -4.20 -12.34
N ASN A 110 24.42 -4.33 -11.61
CA ASN A 110 25.72 -3.86 -12.09
C ASN A 110 26.00 -4.40 -13.49
N LYS A 111 25.88 -5.71 -13.64
CA LYS A 111 26.13 -6.39 -14.91
C LYS A 111 25.17 -5.96 -16.02
N SER A 112 23.88 -5.79 -15.69
CA SER A 112 22.89 -5.45 -16.70
C SER A 112 23.18 -4.09 -17.32
N TYR A 113 23.72 -3.16 -16.53
CA TYR A 113 24.16 -1.86 -17.05
C TYR A 113 25.44 -2.02 -17.86
N GLU A 114 26.36 -2.83 -17.35
CA GLU A 114 27.56 -3.21 -18.09
C GLU A 114 27.18 -3.75 -19.47
N GLY A 115 26.18 -4.63 -19.50
CA GLY A 115 25.62 -5.12 -20.76
C GLY A 115 24.98 -4.03 -21.58
N MET A 116 24.29 -3.10 -20.92
CA MET A 116 23.63 -1.99 -21.59
C MET A 116 24.62 -1.15 -22.40
N PHE A 117 25.78 -0.87 -21.80
CA PHE A 117 26.82 -0.06 -22.45
C PHE A 117 27.45 -0.79 -23.63
N ASN A 118 27.72 -2.08 -23.47
CA ASN A 118 28.46 -2.86 -24.46
C ASN A 118 27.62 -3.29 -25.67
N ASP A 119 26.44 -2.71 -25.83
CA ASP A 119 25.63 -2.94 -27.03
C ASP A 119 24.70 -1.77 -27.36
N THR A 120 25.17 -0.55 -27.14
CA THR A 120 24.45 0.66 -27.51
C THR A 120 25.42 1.70 -28.07
N GLU A 121 25.40 1.88 -29.39
CA GLU A 121 26.26 2.87 -30.04
C GLU A 121 25.90 4.27 -29.59
N GLY A 122 26.91 5.13 -29.50
CA GLY A 122 26.74 6.46 -28.93
C GLY A 122 26.68 6.43 -27.41
N LEU A 123 27.09 5.31 -26.82
CA LEU A 123 27.01 5.14 -25.37
C LEU A 123 28.15 4.24 -24.87
N ASP A 124 29.20 4.86 -24.37
CA ASP A 124 30.39 4.14 -23.89
C ASP A 124 30.71 4.55 -22.47
N PHE A 125 31.25 3.60 -21.70
CA PHE A 125 31.54 3.82 -20.28
C PHE A 125 33.04 3.82 -20.03
N PHE A 126 33.50 4.73 -19.17
CA PHE A 126 34.92 4.84 -18.84
C PHE A 126 35.17 4.73 -17.35
N LEU A 127 35.93 3.72 -16.95
CA LEU A 127 36.31 3.54 -15.55
C LEU A 127 37.31 4.59 -15.12
N GLY A 128 37.02 5.29 -14.01
CA GLY A 128 37.98 6.18 -13.39
C GLY A 128 37.35 7.46 -12.86
N TRP A 129 38.19 8.32 -12.31
CA TRP A 129 37.74 9.55 -11.67
C TRP A 129 37.71 10.73 -12.64
N GLY A 130 36.51 11.22 -12.90
CA GLY A 130 36.31 12.36 -13.78
C GLY A 130 36.56 13.67 -13.05
N SER A 131 37.29 14.57 -13.69
CA SER A 131 37.53 15.90 -13.15
C SER A 131 37.39 16.94 -14.26
N LEU A 132 37.34 18.21 -13.87
CA LEU A 132 37.13 19.30 -14.81
C LEU A 132 38.46 19.98 -15.12
N GLU A 133 39.01 19.71 -16.31
CA GLU A 133 40.26 20.34 -16.74
C GLU A 133 39.97 21.72 -17.30
N SER A 134 39.20 21.76 -18.38
CA SER A 134 38.74 23.01 -18.98
C SER A 134 37.24 22.90 -19.20
N LYS A 135 36.63 23.99 -19.68
CA LYS A 135 35.17 24.03 -19.83
C LYS A 135 34.65 23.18 -21.00
N ASN A 136 35.55 22.51 -21.72
CA ASN A 136 35.15 21.56 -22.76
C ASN A 136 35.86 20.22 -22.68
N VAL A 137 36.59 19.98 -21.59
CA VAL A 137 37.29 18.71 -21.42
C VAL A 137 37.11 18.16 -20.00
N VAL A 138 36.98 16.84 -19.91
CA VAL A 138 36.89 16.14 -18.64
C VAL A 138 38.05 15.18 -18.52
N VAL A 139 38.79 15.27 -17.41
CA VAL A 139 39.95 14.40 -17.21
C VAL A 139 39.47 13.13 -16.52
N VAL A 140 39.74 11.99 -17.15
CA VAL A 140 39.56 10.69 -16.49
C VAL A 140 40.90 10.27 -15.92
N ARG A 141 41.07 10.47 -14.61
CA ARG A 141 42.28 10.06 -13.91
C ARG A 141 42.12 8.66 -13.32
N GLU A 142 43.17 8.16 -12.68
CA GLU A 142 43.17 6.80 -12.13
C GLU A 142 42.61 6.78 -10.71
N THR A 143 42.91 7.82 -9.93
CA THR A 143 42.33 7.99 -8.60
C THR A 143 41.82 9.42 -8.41
N ALA A 144 41.33 9.72 -7.21
CA ALA A 144 40.82 11.05 -6.87
C ALA A 144 41.94 12.09 -6.74
N ASP A 145 43.17 11.60 -6.53
CA ASP A 145 44.36 12.45 -6.55
C ASP A 145 44.48 13.12 -7.92
N PRO A 146 44.49 14.47 -7.96
CA PRO A 146 44.65 15.18 -9.22
C PRO A 146 45.99 14.94 -9.93
N LYS A 147 46.97 14.40 -9.20
CA LYS A 147 48.30 14.13 -9.75
C LYS A 147 48.52 12.64 -9.99
N SER A 148 47.44 11.88 -10.18
CA SER A 148 47.54 10.47 -10.53
C SER A 148 47.47 10.31 -12.04
N ALA A 149 47.85 9.13 -12.52
CA ALA A 149 47.95 8.88 -13.95
C ALA A 149 46.65 9.19 -14.66
N VAL A 150 46.73 9.90 -15.79
CA VAL A 150 45.60 10.10 -16.67
C VAL A 150 45.50 8.91 -17.61
N LYS A 151 44.29 8.58 -18.04
CA LYS A 151 44.09 7.52 -19.03
C LYS A 151 43.04 7.85 -20.10
N GLU A 152 42.27 8.91 -19.90
CA GLU A 152 41.45 9.48 -20.96
C GLU A 152 41.31 10.98 -20.78
N ARG A 153 41.04 11.68 -21.88
CA ARG A 153 40.70 13.10 -21.85
C ARG A 153 39.56 13.35 -22.83
N LEU A 154 38.37 13.47 -22.28
CA LEU A 154 37.16 13.45 -23.10
C LEU A 154 36.77 14.85 -23.55
N GLN A 155 36.95 15.10 -24.85
CA GLN A 155 36.48 16.34 -25.47
C GLN A 155 34.96 16.35 -25.43
N ALA A 156 34.37 17.48 -25.06
CA ALA A 156 32.95 17.53 -24.78
C ALA A 156 32.28 18.80 -25.30
N ASP A 157 31.14 18.62 -25.95
CA ASP A 157 30.26 19.74 -26.29
C ASP A 157 29.45 20.13 -25.05
N HIS A 158 28.89 19.13 -24.38
CA HIS A 158 28.11 19.33 -23.15
C HIS A 158 28.64 18.45 -22.02
N ILE A 159 28.80 19.03 -20.84
CA ILE A 159 29.27 18.30 -19.66
C ILE A 159 28.16 18.25 -18.60
N LEU A 160 27.84 17.04 -18.15
CA LEU A 160 26.87 16.86 -17.07
C LEU A 160 27.54 16.40 -15.77
N LEU A 161 27.33 17.17 -14.71
CA LEU A 161 27.81 16.82 -13.38
C LEU A 161 26.73 16.05 -12.61
N ALA A 162 26.99 14.77 -12.36
CA ALA A 162 26.04 13.91 -11.66
C ALA A 162 26.79 12.96 -10.73
N THR A 163 27.63 13.52 -9.86
CA THR A 163 28.47 12.73 -8.97
C THR A 163 27.80 12.43 -7.63
N GLY A 164 26.56 12.90 -7.47
CA GLY A 164 25.74 12.54 -6.32
C GLY A 164 26.18 13.23 -5.05
N SER A 165 26.05 12.53 -3.93
CA SER A 165 26.37 13.08 -2.62
C SER A 165 27.20 12.07 -1.82
N TRP A 166 27.63 12.48 -0.63
CA TRP A 166 28.53 11.66 0.17
C TRP A 166 28.22 11.88 1.65
N PRO A 167 28.47 10.87 2.50
CA PRO A 167 28.12 11.04 3.90
C PRO A 167 28.94 12.13 4.60
N GLN A 168 28.27 12.90 5.45
CA GLN A 168 28.93 13.92 6.25
C GLN A 168 29.49 13.29 7.52
N MET A 169 30.69 13.72 7.90
CA MET A 169 31.29 13.28 9.15
C MET A 169 31.71 14.50 9.97
N PRO A 170 31.30 14.55 11.26
CA PRO A 170 31.72 15.67 12.09
C PRO A 170 33.20 15.57 12.47
N ALA A 171 33.78 16.71 12.81
CA ALA A 171 35.20 16.76 13.16
C ALA A 171 35.37 16.52 14.66
N ILE A 172 35.40 15.25 15.04
CA ILE A 172 35.70 14.86 16.42
C ILE A 172 36.88 13.91 16.43
N PRO A 173 37.57 13.80 17.57
CA PRO A 173 38.61 12.78 17.70
C PRO A 173 38.01 11.37 17.70
N GLY A 174 38.62 10.48 16.94
CA GLY A 174 38.17 9.09 16.84
C GLY A 174 37.20 8.83 15.69
N ILE A 175 37.00 9.84 14.84
CA ILE A 175 36.02 9.72 13.75
C ILE A 175 36.40 8.62 12.78
N GLU A 176 37.69 8.33 12.68
CA GLU A 176 38.17 7.20 11.86
C GLU A 176 37.53 5.87 12.27
N HIS A 177 37.22 5.72 13.55
CA HIS A 177 36.61 4.49 14.06
C HIS A 177 35.11 4.40 13.77
N CYS A 178 34.53 5.48 13.24
CA CYS A 178 33.12 5.53 12.88
C CYS A 178 32.92 5.19 11.40
N ILE A 179 31.78 4.62 11.08
CA ILE A 179 31.43 4.29 9.71
C ILE A 179 30.30 5.19 9.21
N SER A 180 29.94 5.01 7.95
CA SER A 180 28.76 5.63 7.37
C SER A 180 27.85 4.53 6.84
N SER A 181 26.75 4.91 6.19
CA SER A 181 25.86 3.94 5.58
C SER A 181 26.60 3.03 4.59
N ASN A 182 27.57 3.59 3.88
CA ASN A 182 28.36 2.83 2.90
C ASN A 182 28.96 1.56 3.50
N GLU A 183 29.62 1.70 4.64
CA GLU A 183 30.28 0.56 5.29
C GLU A 183 29.25 -0.38 5.93
N ALA A 184 28.12 0.18 6.35
CA ALA A 184 27.06 -0.60 6.97
C ALA A 184 26.61 -1.74 6.06
N PHE A 185 26.60 -1.47 4.75
CA PHE A 185 26.19 -2.47 3.76
C PHE A 185 27.16 -3.65 3.65
N TYR A 186 28.34 -3.54 4.25
CA TYR A 186 29.38 -4.54 4.06
C TYR A 186 30.04 -4.99 5.37
N LEU A 187 29.36 -4.78 6.50
CA LEU A 187 29.83 -5.34 7.76
C LEU A 187 29.83 -6.87 7.66
N PRO A 188 30.96 -7.51 8.00
CA PRO A 188 31.03 -8.97 7.92
C PRO A 188 30.14 -9.66 8.95
N GLU A 189 29.92 -8.98 10.07
CA GLU A 189 29.04 -9.47 11.13
C GLU A 189 27.99 -8.41 11.48
N PRO A 190 26.80 -8.84 11.91
CA PRO A 190 25.83 -7.92 12.46
C PRO A 190 26.27 -7.46 13.85
N PRO A 191 26.29 -6.14 14.09
CA PRO A 191 26.79 -5.65 15.37
C PRO A 191 25.84 -5.94 16.52
N ARG A 192 26.41 -6.28 17.68
CA ARG A 192 25.63 -6.55 18.88
C ARG A 192 25.11 -5.24 19.46
N ARG A 193 26.02 -4.31 19.68
CA ARG A 193 25.67 -2.95 20.08
C ARG A 193 26.03 -1.99 18.95
N VAL A 194 25.06 -1.17 18.55
CA VAL A 194 25.28 -0.19 17.48
C VAL A 194 24.70 1.17 17.85
N LEU A 195 25.41 2.22 17.50
CA LEU A 195 24.92 3.59 17.66
C LEU A 195 24.83 4.25 16.29
N THR A 196 23.62 4.57 15.85
CA THR A 196 23.43 5.40 14.67
C THR A 196 23.30 6.85 15.13
N VAL A 197 24.04 7.74 14.48
CA VAL A 197 24.07 9.15 14.85
C VAL A 197 23.30 9.96 13.83
N GLY A 198 22.34 10.76 14.31
CA GLY A 198 21.53 11.60 13.45
C GLY A 198 20.06 11.24 13.52
N GLY A 199 19.19 12.20 13.20
CA GLY A 199 17.74 11.99 13.22
C GLY A 199 17.12 11.75 11.86
N GLY A 200 17.93 11.78 10.80
CA GLY A 200 17.43 11.62 9.43
C GLY A 200 17.01 10.20 9.07
N PHE A 201 16.40 10.07 7.90
CA PHE A 201 15.75 8.82 7.51
C PHE A 201 16.71 7.64 7.41
N ILE A 202 17.96 7.94 7.06
CA ILE A 202 18.97 6.89 6.92
C ILE A 202 19.28 6.27 8.28
N SER A 203 19.46 7.11 9.29
CA SER A 203 19.73 6.64 10.65
C SER A 203 18.56 5.79 11.17
N VAL A 204 17.34 6.24 10.91
CA VAL A 204 16.15 5.55 11.40
C VAL A 204 15.98 4.18 10.71
N GLU A 205 16.17 4.15 9.40
CA GLU A 205 16.01 2.90 8.66
C GLU A 205 17.04 1.86 9.08
N PHE A 206 18.30 2.30 9.21
CA PHE A 206 19.35 1.39 9.61
C PHE A 206 19.20 0.95 11.06
N ALA A 207 18.62 1.81 11.89
CA ALA A 207 18.35 1.43 13.27
C ALA A 207 17.42 0.21 13.31
N GLY A 208 16.43 0.19 12.42
CA GLY A 208 15.50 -0.93 12.32
C GLY A 208 16.14 -2.18 11.76
N ILE A 209 16.99 -2.00 10.75
CA ILE A 209 17.72 -3.12 10.17
C ILE A 209 18.63 -3.80 11.21
N PHE A 210 19.43 -3.00 11.90
CA PHE A 210 20.33 -3.53 12.92
C PHE A 210 19.57 -4.14 14.08
N ASN A 211 18.42 -3.54 14.40
CA ASN A 211 17.58 -4.05 15.49
C ASN A 211 17.09 -5.45 15.21
N ALA A 212 16.81 -5.73 13.93
CA ALA A 212 16.27 -7.02 13.53
C ALA A 212 17.33 -8.12 13.48
N TYR A 213 18.55 -7.77 13.05
CA TYR A 213 19.59 -8.76 12.77
C TYR A 213 20.66 -8.87 13.87
N LYS A 214 20.62 -8.00 14.87
CA LYS A 214 21.60 -8.05 15.95
C LYS A 214 21.61 -9.40 16.66
N PRO A 215 22.78 -9.84 17.14
CA PRO A 215 22.86 -11.07 17.91
C PRO A 215 22.29 -10.94 19.33
N PRO A 216 22.10 -12.08 20.02
CA PRO A 216 21.60 -12.09 21.41
C PRO A 216 22.41 -11.20 22.34
N GLY A 217 21.70 -10.50 23.23
CA GLY A 217 22.33 -9.51 24.11
C GLY A 217 22.48 -8.16 23.45
N GLY A 218 21.81 -7.97 22.31
CA GLY A 218 22.03 -6.80 21.47
C GLY A 218 21.22 -5.58 21.86
N LYS A 219 21.56 -4.44 21.27
CA LYS A 219 20.93 -3.16 21.58
C LYS A 219 21.31 -2.13 20.52
N VAL A 220 20.31 -1.66 19.76
CA VAL A 220 20.50 -0.51 18.90
C VAL A 220 20.19 0.76 19.70
N THR A 221 21.05 1.75 19.57
CA THR A 221 20.79 3.08 20.11
C THR A 221 20.85 4.09 18.97
N LEU A 222 19.91 5.03 18.95
CA LEU A 222 19.92 6.12 18.00
C LEU A 222 20.00 7.43 18.76
N CYS A 223 20.95 8.29 18.42
CA CYS A 223 21.09 9.58 19.09
C CYS A 223 20.88 10.74 18.13
N TYR A 224 20.34 11.83 18.65
CA TYR A 224 20.11 13.06 17.89
C TYR A 224 20.46 14.26 18.75
N ARG A 225 21.16 15.23 18.18
CA ARG A 225 21.62 16.39 18.95
C ARG A 225 20.48 17.30 19.41
N ASN A 226 19.34 17.26 18.73
CA ASN A 226 18.19 18.09 19.08
C ASN A 226 17.05 17.28 19.69
N ASN A 227 15.89 17.90 19.83
CA ASN A 227 14.82 17.38 20.69
C ASN A 227 14.04 16.21 20.07
N LEU A 228 13.80 16.27 18.77
CA LEU A 228 12.87 15.36 18.10
C LEU A 228 13.36 14.91 16.73
N ILE A 229 13.46 13.59 16.52
CA ILE A 229 14.04 13.05 15.30
C ILE A 229 13.21 13.36 14.06
N LEU A 230 13.78 13.07 12.90
CA LEU A 230 13.09 13.18 11.62
C LEU A 230 12.59 14.59 11.35
N ARG A 231 13.48 15.55 11.53
CA ARG A 231 13.20 16.95 11.23
C ARG A 231 12.79 17.11 9.77
N GLY A 232 11.81 17.99 9.54
CA GLY A 232 11.31 18.25 8.19
C GLY A 232 10.14 17.36 7.80
N PHE A 233 9.77 16.43 8.68
CA PHE A 233 8.59 15.59 8.50
C PHE A 233 7.47 16.06 9.42
N ASP A 234 6.25 15.61 9.16
CA ASP A 234 5.10 15.97 9.99
C ASP A 234 5.36 15.66 11.46
N GLU A 235 4.97 16.57 12.34
CA GLU A 235 5.38 16.50 13.74
C GLU A 235 4.70 15.37 14.51
N THR A 236 3.43 15.13 14.25
CA THR A 236 2.72 14.04 14.92
C THR A 236 3.32 12.70 14.49
N ILE A 237 3.64 12.58 13.22
CA ILE A 237 4.35 11.40 12.72
C ILE A 237 5.70 11.23 13.40
N ARG A 238 6.41 12.34 13.58
CA ARG A 238 7.74 12.31 14.20
C ARG A 238 7.69 11.76 15.63
N GLU A 239 6.68 12.16 16.38
CA GLU A 239 6.56 11.72 17.77
C GLU A 239 6.09 10.27 17.85
N GLU A 240 5.26 9.86 16.88
CA GLU A 240 4.75 8.50 16.86
C GLU A 240 5.82 7.49 16.47
N VAL A 241 6.53 7.76 15.38
CA VAL A 241 7.64 6.89 14.97
C VAL A 241 8.63 6.72 16.13
N THR A 242 8.93 7.82 16.81
CA THR A 242 9.79 7.77 17.99
C THR A 242 9.28 6.72 18.99
N LYS A 243 7.99 6.81 19.33
CA LYS A 243 7.38 5.89 20.28
C LYS A 243 7.41 4.45 19.79
N GLN A 244 7.09 4.24 18.52
CA GLN A 244 6.98 2.90 17.97
C GLN A 244 8.34 2.22 17.80
N LEU A 245 9.36 3.00 17.47
CA LEU A 245 10.74 2.50 17.48
C LEU A 245 11.16 2.08 18.89
N THR A 246 10.79 2.91 19.87
CA THR A 246 11.04 2.62 21.28
C THR A 246 10.35 1.31 21.69
N ALA A 247 9.13 1.12 21.24
CA ALA A 247 8.33 -0.05 21.61
C ALA A 247 8.90 -1.34 21.02
N ASN A 248 9.69 -1.21 19.96
CA ASN A 248 10.34 -2.35 19.33
C ASN A 248 11.79 -2.53 19.81
N GLY A 249 12.15 -1.86 20.89
CA GLY A 249 13.41 -2.14 21.59
C GLY A 249 14.55 -1.19 21.30
N ILE A 250 14.34 -0.26 20.36
CA ILE A 250 15.36 0.74 20.04
C ILE A 250 15.39 1.86 21.08
N GLU A 251 16.56 2.13 21.63
CA GLU A 251 16.76 3.24 22.55
C GLU A 251 16.98 4.54 21.75
N ILE A 252 16.06 5.49 21.89
CA ILE A 252 16.19 6.78 21.21
C ILE A 252 16.69 7.84 22.17
N MET A 253 17.79 8.48 21.80
CA MET A 253 18.65 9.22 22.72
C MET A 253 18.83 10.66 22.23
N THR A 254 17.85 11.51 22.50
CA THR A 254 17.81 12.86 21.94
C THR A 254 18.56 13.87 22.82
N ASN A 255 18.83 15.03 22.24
CA ASN A 255 19.66 16.07 22.88
C ASN A 255 21.02 15.53 23.35
N GLU A 256 21.62 14.69 22.52
CA GLU A 256 22.94 14.15 22.77
C GLU A 256 23.74 14.16 21.47
N ASN A 257 25.06 14.31 21.60
CA ASN A 257 25.94 14.32 20.43
C ASN A 257 27.32 13.81 20.84
N PRO A 258 27.89 12.88 20.05
CA PRO A 258 29.22 12.37 20.39
C PRO A 258 30.29 13.45 20.34
N ALA A 259 31.15 13.47 21.36
CA ALA A 259 32.28 14.39 21.43
C ALA A 259 33.58 13.72 21.01
N LYS A 260 33.70 12.42 21.32
CA LYS A 260 34.87 11.65 20.91
C LYS A 260 34.60 10.15 20.89
N VAL A 261 35.52 9.40 20.31
CA VAL A 261 35.42 7.95 20.21
C VAL A 261 36.81 7.31 20.33
N SER A 262 37.03 6.57 21.40
CA SER A 262 38.25 5.77 21.54
C SER A 262 37.93 4.29 21.33
N LEU A 263 38.97 3.48 21.07
CA LEU A 263 38.82 2.04 21.00
C LEU A 263 39.00 1.42 22.38
N ASN A 264 38.22 0.39 22.67
CA ASN A 264 38.49 -0.46 23.83
C ASN A 264 39.47 -1.55 23.44
N THR A 265 40.02 -2.24 24.43
CA THR A 265 41.03 -3.26 24.18
C THR A 265 40.48 -4.49 23.45
N ASP A 266 39.19 -4.49 23.13
CA ASP A 266 38.58 -5.59 22.37
C ASP A 266 38.20 -5.21 20.94
N GLY A 267 38.34 -3.93 20.59
CA GLY A 267 38.04 -3.47 19.24
C GLY A 267 36.71 -2.73 19.15
N SER A 268 35.89 -2.88 20.20
CA SER A 268 34.66 -2.12 20.32
C SER A 268 34.99 -0.64 20.54
N LYS A 269 33.98 0.21 20.40
CA LYS A 269 34.15 1.65 20.46
C LYS A 269 33.66 2.18 21.79
N HIS A 270 34.43 3.08 22.40
CA HIS A 270 34.00 3.79 23.59
C HIS A 270 33.62 5.22 23.23
N VAL A 271 32.32 5.48 23.16
CA VAL A 271 31.80 6.78 22.75
C VAL A 271 31.59 7.68 23.97
N THR A 272 32.13 8.89 23.91
CA THR A 272 31.87 9.91 24.92
C THR A 272 31.08 11.05 24.30
N PHE A 273 29.92 11.33 24.88
CA PHE A 273 29.04 12.39 24.39
C PHE A 273 29.43 13.75 24.97
N GLU A 274 28.94 14.81 24.35
CA GLU A 274 29.16 16.18 24.83
C GLU A 274 28.66 16.38 26.27
N SER A 275 27.56 15.71 26.59
CA SER A 275 26.95 15.79 27.92
C SER A 275 27.76 15.05 29.00
N GLY A 276 28.80 14.33 28.60
CA GLY A 276 29.63 13.59 29.55
C GLY A 276 29.23 12.13 29.69
N LYS A 277 28.02 11.80 29.26
CA LYS A 277 27.55 10.42 29.21
C LYS A 277 28.39 9.60 28.23
N THR A 278 28.51 8.30 28.52
CA THR A 278 29.33 7.41 27.70
C THR A 278 28.52 6.21 27.21
N LEU A 279 29.03 5.54 26.18
CA LEU A 279 28.39 4.33 25.66
C LEU A 279 29.39 3.48 24.87
N ASP A 280 29.48 2.21 25.22
CA ASP A 280 30.31 1.26 24.48
C ASP A 280 29.49 0.53 23.42
N VAL A 281 29.89 0.64 22.17
CA VAL A 281 29.22 -0.08 21.08
C VAL A 281 30.24 -0.77 20.18
N ASP A 282 29.74 -1.62 19.28
CA ASP A 282 30.59 -2.35 18.34
C ASP A 282 30.71 -1.59 17.03
N VAL A 283 29.68 -0.83 16.69
CA VAL A 283 29.69 -0.01 15.49
C VAL A 283 29.12 1.36 15.81
N VAL A 284 29.75 2.40 15.26
CA VAL A 284 29.20 3.74 15.30
C VAL A 284 28.94 4.18 13.87
N MET A 285 27.67 4.37 13.53
CA MET A 285 27.30 4.77 12.19
C MET A 285 26.86 6.23 12.17
N MET A 286 27.67 7.07 11.53
CA MET A 286 27.34 8.47 11.34
C MET A 286 26.37 8.61 10.19
N ALA A 287 25.19 9.12 10.47
CA ALA A 287 24.22 9.49 9.42
C ALA A 287 23.63 10.84 9.75
N ILE A 288 24.51 11.82 9.95
CA ILE A 288 24.11 13.17 10.36
C ILE A 288 23.78 14.07 9.18
N GLY A 289 24.01 13.57 7.96
CA GLY A 289 23.73 14.35 6.77
C GLY A 289 24.42 13.80 5.53
N ARG A 290 23.94 14.22 4.37
CA ARG A 290 24.57 13.92 3.09
C ARG A 290 25.01 15.24 2.45
N ILE A 291 26.25 15.32 2.01
CA ILE A 291 26.77 16.52 1.35
C ILE A 291 27.07 16.26 -0.12
N PRO A 292 26.88 17.29 -0.98
CA PRO A 292 27.16 17.14 -2.40
C PRO A 292 28.65 16.88 -2.69
N ARG A 293 28.90 15.94 -3.59
CA ARG A 293 30.25 15.44 -3.83
C ARG A 293 30.96 16.26 -4.91
N THR A 294 31.66 17.31 -4.48
CA THR A 294 32.22 18.31 -5.39
C THR A 294 33.75 18.38 -5.37
N ASN A 295 34.37 17.89 -4.31
CA ASN A 295 35.79 18.18 -4.03
C ASN A 295 36.79 17.47 -4.95
N ASP A 296 36.36 16.43 -5.66
CA ASP A 296 37.24 15.72 -6.58
C ASP A 296 37.12 16.20 -8.02
N LEU A 297 36.21 17.17 -8.26
CA LEU A 297 35.89 17.60 -9.62
C LEU A 297 36.76 18.76 -10.13
N GLN A 298 37.57 19.35 -9.26
CA GLN A 298 38.37 20.53 -9.62
C GLN A 298 37.51 21.59 -10.29
N LEU A 299 36.42 21.98 -9.63
CA LEU A 299 35.49 22.96 -10.18
C LEU A 299 36.09 24.36 -10.21
N GLY A 300 37.12 24.59 -9.41
CA GLY A 300 37.83 25.86 -9.40
C GLY A 300 38.57 26.17 -10.69
N ASN A 301 38.92 25.13 -11.43
CA ASN A 301 39.62 25.27 -12.72
C ASN A 301 38.81 25.99 -13.79
N VAL A 302 37.49 25.97 -13.67
CA VAL A 302 36.61 26.60 -14.67
C VAL A 302 35.64 27.62 -14.05
N GLY A 303 35.75 27.84 -12.74
CA GLY A 303 34.91 28.81 -12.05
C GLY A 303 33.43 28.42 -12.00
N VAL A 304 33.15 27.12 -11.87
CA VAL A 304 31.78 26.64 -11.66
C VAL A 304 31.32 27.04 -10.25
N LYS A 305 30.18 27.70 -10.16
CA LYS A 305 29.75 28.35 -8.92
C LYS A 305 28.99 27.41 -7.98
N LEU A 306 29.16 27.63 -6.69
CA LEU A 306 28.47 26.86 -5.65
C LEU A 306 27.50 27.75 -4.88
N THR A 307 26.46 27.12 -4.32
CA THR A 307 25.54 27.80 -3.41
C THR A 307 26.25 28.00 -2.07
N PRO A 308 25.69 28.85 -1.18
CA PRO A 308 26.32 29.10 0.12
C PRO A 308 26.65 27.81 0.88
N LYS A 309 25.74 26.85 0.85
CA LYS A 309 26.03 25.48 1.27
C LYS A 309 26.62 24.77 0.06
N GLY A 310 27.62 23.93 0.28
CA GLY A 310 28.55 23.53 -0.78
C GLY A 310 27.98 22.82 -2.01
N GLY A 311 26.74 23.13 -2.37
CA GLY A 311 26.10 22.51 -3.53
C GLY A 311 26.24 23.34 -4.80
N VAL A 312 26.30 22.66 -5.93
CA VAL A 312 26.43 23.34 -7.23
C VAL A 312 25.17 24.15 -7.53
N GLN A 313 25.34 25.45 -7.69
CA GLN A 313 24.23 26.35 -8.03
C GLN A 313 23.75 26.07 -9.46
N VAL A 314 22.44 26.01 -9.64
CA VAL A 314 21.84 25.81 -10.96
C VAL A 314 20.51 26.56 -11.06
N ASP A 315 20.05 26.77 -12.28
CA ASP A 315 18.75 27.40 -12.52
C ASP A 315 17.68 26.32 -12.69
N GLU A 316 16.47 26.74 -13.06
CA GLU A 316 15.34 25.81 -13.21
C GLU A 316 15.48 24.88 -14.42
N PHE A 317 16.57 25.02 -15.18
CA PHE A 317 16.87 24.12 -16.29
C PHE A 317 18.20 23.39 -16.08
N SER A 318 18.72 23.43 -14.86
CA SER A 318 19.91 22.67 -14.46
C SER A 318 21.22 23.19 -15.07
N ARG A 319 21.25 24.48 -15.39
CA ARG A 319 22.44 25.10 -16.00
C ARG A 319 23.25 25.85 -14.96
N THR A 320 24.57 25.74 -15.06
CA THR A 320 25.48 26.50 -14.19
C THR A 320 25.73 27.88 -14.78
N ASN A 321 26.63 28.63 -14.15
CA ASN A 321 27.14 29.88 -14.74
C ASN A 321 27.93 29.64 -16.02
N VAL A 322 28.54 28.47 -16.15
CA VAL A 322 29.32 28.10 -17.34
C VAL A 322 28.41 27.50 -18.42
N PRO A 323 28.26 28.21 -19.56
CA PRO A 323 27.20 27.96 -20.55
C PRO A 323 26.83 26.50 -20.83
N ASN A 324 27.81 25.66 -21.17
CA ASN A 324 27.53 24.29 -21.59
C ASN A 324 27.90 23.23 -20.55
N ILE A 325 27.81 23.61 -19.27
CA ILE A 325 28.01 22.66 -18.17
C ILE A 325 26.74 22.62 -17.32
N TYR A 326 26.32 21.41 -16.95
CA TYR A 326 25.07 21.20 -16.24
C TYR A 326 25.27 20.33 -15.00
N ALA A 327 24.29 20.34 -14.10
CA ALA A 327 24.34 19.57 -12.86
C ALA A 327 22.95 19.11 -12.42
N ILE A 328 22.85 17.84 -12.06
CA ILE A 328 21.59 17.24 -11.63
C ILE A 328 21.80 16.35 -10.41
N GLY A 329 20.70 15.90 -9.84
CA GLY A 329 20.73 14.94 -8.75
C GLY A 329 21.30 15.53 -7.48
N ASP A 330 21.90 14.69 -6.65
CA ASP A 330 22.24 15.05 -5.27
C ASP A 330 23.33 16.13 -5.18
N ILE A 331 24.11 16.30 -6.24
CA ILE A 331 25.16 17.31 -6.28
C ILE A 331 24.61 18.73 -6.18
N THR A 332 23.35 18.90 -6.58
CA THR A 332 22.68 20.22 -6.53
C THR A 332 22.16 20.56 -5.14
N ASP A 333 22.21 19.60 -4.21
CA ASP A 333 21.91 19.82 -2.79
C ASP A 333 20.47 20.26 -2.54
N ARG A 334 19.55 19.70 -3.33
CA ARG A 334 18.12 19.99 -3.18
C ARG A 334 17.40 18.76 -2.65
N LEU A 335 16.38 18.30 -3.36
CA LEU A 335 15.71 17.06 -2.97
C LEU A 335 16.54 15.85 -3.37
N MET A 336 17.16 15.20 -2.39
CA MET A 336 18.03 14.07 -2.65
C MET A 336 17.22 12.79 -2.83
N LEU A 337 16.67 12.61 -4.04
CA LEU A 337 15.81 11.48 -4.36
C LEU A 337 16.10 10.94 -5.76
N THR A 338 16.19 9.62 -5.86
CA THR A 338 16.50 8.95 -7.12
C THR A 338 15.53 9.34 -8.25
N PRO A 339 14.21 9.34 -7.97
CA PRO A 339 13.27 9.68 -9.04
C PRO A 339 13.35 11.13 -9.52
N VAL A 340 13.74 12.04 -8.64
CA VAL A 340 13.94 13.44 -9.02
C VAL A 340 15.19 13.59 -9.88
N ALA A 341 16.30 12.99 -9.43
CA ALA A 341 17.53 12.98 -10.21
C ALA A 341 17.30 12.38 -11.59
N ILE A 342 16.48 11.33 -11.65
CA ILE A 342 16.07 10.73 -12.93
C ILE A 342 15.23 11.71 -13.74
N ASN A 343 14.31 12.40 -13.07
CA ASN A 343 13.45 13.37 -13.73
C ASN A 343 14.25 14.55 -14.29
N GLU A 344 15.22 15.03 -13.51
CA GLU A 344 16.08 16.14 -13.92
C GLU A 344 16.94 15.76 -15.13
N GLY A 345 17.45 14.53 -15.13
CA GLY A 345 18.28 14.03 -16.21
C GLY A 345 17.56 13.94 -17.53
N ALA A 346 16.36 13.34 -17.51
CA ALA A 346 15.53 13.23 -18.71
C ALA A 346 15.08 14.61 -19.19
N ALA A 347 14.80 15.51 -18.24
CA ALA A 347 14.35 16.86 -18.55
C ALA A 347 15.48 17.71 -19.15
N LEU A 348 16.70 17.50 -18.62
CA LEU A 348 17.87 18.23 -19.12
C LEU A 348 18.13 17.94 -20.59
N VAL A 349 17.98 16.69 -20.98
CA VAL A 349 18.35 16.27 -22.33
C VAL A 349 17.42 16.86 -23.39
N ASP A 350 16.14 16.53 -23.32
CA ASP A 350 15.22 16.88 -24.40
C ASP A 350 15.04 18.39 -24.57
N THR A 351 15.41 19.16 -23.55
CA THR A 351 15.58 20.62 -23.71
C THR A 351 16.71 20.92 -24.69
N VAL A 352 17.89 20.38 -24.38
CA VAL A 352 19.10 20.67 -25.14
C VAL A 352 19.14 19.94 -26.49
N PHE A 353 18.79 18.66 -26.48
CA PHE A 353 18.96 17.81 -27.66
C PHE A 353 17.64 17.50 -28.38
N GLY A 354 16.64 18.37 -28.25
CA GLY A 354 15.38 18.13 -28.96
C GLY A 354 14.32 19.23 -28.93
N ASN A 355 14.71 20.45 -28.56
CA ASN A 355 13.76 21.56 -28.41
C ASN A 355 12.39 21.14 -27.84
N LYS A 356 12.42 20.33 -26.78
CA LYS A 356 11.23 20.02 -26.00
C LYS A 356 11.45 20.54 -24.58
N PRO A 357 11.30 21.86 -24.39
CA PRO A 357 11.74 22.46 -23.14
C PRO A 357 10.91 22.04 -21.93
N ARG A 358 11.32 20.95 -21.28
CA ARG A 358 10.70 20.51 -20.03
C ARG A 358 11.63 20.81 -18.85
N LYS A 359 11.04 21.29 -17.75
CA LYS A 359 11.74 21.40 -16.47
C LYS A 359 10.99 20.59 -15.41
N THR A 360 11.73 20.14 -14.39
CA THR A 360 11.14 19.28 -13.36
C THR A 360 10.45 20.09 -12.27
N ASP A 361 9.24 19.68 -11.92
CA ASP A 361 8.52 20.25 -10.79
C ASP A 361 9.05 19.64 -9.50
N HIS A 362 9.49 20.49 -8.57
CA HIS A 362 10.06 20.03 -7.31
C HIS A 362 9.05 20.10 -6.16
N THR A 363 7.89 20.69 -6.41
CA THR A 363 6.82 20.77 -5.42
C THR A 363 5.96 19.50 -5.47
N ARG A 364 5.44 19.11 -4.31
CA ARG A 364 4.46 18.02 -4.21
C ARG A 364 5.03 16.70 -4.74
N VAL A 365 6.24 16.37 -4.30
CA VAL A 365 6.88 15.11 -4.67
C VAL A 365 6.66 14.09 -3.57
N ALA A 366 6.12 12.93 -3.95
CA ALA A 366 5.90 11.85 -3.01
C ALA A 366 7.23 11.19 -2.65
N SER A 367 7.44 10.98 -1.35
CA SER A 367 8.62 10.24 -0.89
C SER A 367 8.23 9.32 0.25
N ALA A 368 9.08 8.34 0.53
CA ALA A 368 8.82 7.38 1.59
C ALA A 368 10.01 7.30 2.53
N VAL A 369 9.78 6.69 3.68
CA VAL A 369 10.83 6.31 4.60
C VAL A 369 10.52 4.89 5.06
N PHE A 370 11.39 3.94 4.74
CA PHE A 370 11.13 2.55 5.07
C PHE A 370 11.65 2.19 6.44
N SER A 371 11.32 3.05 7.41
CA SER A 371 11.37 2.68 8.81
C SER A 371 10.38 1.56 9.10
N ILE A 372 10.47 1.02 10.32
CA ILE A 372 9.48 0.09 10.83
C ILE A 372 8.87 0.74 12.08
N PRO A 373 7.72 1.41 11.92
CA PRO A 373 6.81 1.46 10.78
C PRO A 373 7.25 2.48 9.73
N PRO A 374 6.81 2.31 8.47
CA PRO A 374 7.25 3.18 7.38
C PRO A 374 6.44 4.47 7.26
N ILE A 375 6.98 5.44 6.51
CA ILE A 375 6.33 6.73 6.31
C ILE A 375 6.12 6.99 4.82
N GLY A 376 5.02 7.67 4.51
CA GLY A 376 4.76 8.17 3.17
C GLY A 376 4.31 9.62 3.27
N THR A 377 4.78 10.45 2.36
CA THR A 377 4.56 11.88 2.47
C THR A 377 4.61 12.56 1.12
N CYS A 378 3.76 13.56 0.94
CA CYS A 378 3.72 14.34 -0.29
C CYS A 378 3.18 15.73 0.02
N GLY A 379 3.90 16.75 -0.43
CA GLY A 379 3.47 18.13 -0.21
C GLY A 379 3.97 18.69 1.11
N LEU A 380 3.36 19.78 1.55
CA LEU A 380 3.86 20.56 2.68
C LEU A 380 3.37 20.00 4.02
N ILE A 381 4.19 20.14 5.05
CA ILE A 381 3.72 19.97 6.43
C ILE A 381 2.99 21.23 6.89
N GLU A 382 2.24 21.11 8.00
CA GLU A 382 1.26 22.12 8.37
C GLU A 382 1.88 23.46 8.78
N GLU A 383 2.97 23.41 9.55
CA GLU A 383 3.60 24.63 10.05
C GLU A 383 4.29 25.43 8.93
N VAL A 384 4.71 24.74 7.87
CA VAL A 384 5.24 25.40 6.67
C VAL A 384 4.12 26.00 5.84
N ALA A 385 3.03 25.25 5.66
CA ALA A 385 1.89 25.72 4.90
C ALA A 385 1.27 26.97 5.54
N ALA A 386 1.32 27.04 6.87
CA ALA A 386 0.78 28.17 7.60
C ALA A 386 1.47 29.50 7.23
N LYS A 387 2.71 29.42 6.76
CA LYS A 387 3.53 30.61 6.53
C LYS A 387 3.35 31.23 5.15
N GLU A 388 2.84 30.48 4.18
CA GLU A 388 2.54 31.04 2.86
C GLU A 388 1.06 30.88 2.49
N PHE A 389 0.22 30.59 3.48
CA PHE A 389 -1.23 30.57 3.27
C PHE A 389 -1.95 31.17 4.47
N GLU A 390 -3.07 31.82 4.18
CA GLU A 390 -3.79 32.61 5.18
C GLU A 390 -4.53 31.69 6.15
N LYS A 391 -5.25 30.71 5.61
CA LYS A 391 -6.07 29.80 6.41
C LYS A 391 -5.83 28.34 6.02
N VAL A 392 -5.26 27.58 6.95
CA VAL A 392 -4.89 26.19 6.69
C VAL A 392 -5.69 25.26 7.61
N ALA A 393 -6.21 24.18 7.03
CA ALA A 393 -6.97 23.17 7.79
C ALA A 393 -6.20 21.85 7.88
N VAL A 394 -6.25 21.22 9.05
CA VAL A 394 -5.56 19.95 9.26
C VAL A 394 -6.56 18.86 9.63
N TYR A 395 -6.64 17.84 8.77
CA TYR A 395 -7.46 16.66 9.04
C TYR A 395 -6.57 15.54 9.55
N MET A 396 -6.95 14.93 10.67
CA MET A 396 -6.10 13.96 11.35
C MET A 396 -6.92 12.76 11.84
N SER A 397 -6.43 11.56 11.54
CA SER A 397 -7.03 10.32 12.00
C SER A 397 -5.93 9.35 12.42
N SER A 398 -6.03 8.81 13.65
CA SER A 398 -4.99 7.96 14.21
C SER A 398 -5.56 6.70 14.86
N PHE A 399 -5.74 5.66 14.06
CA PHE A 399 -6.36 4.40 14.52
C PHE A 399 -5.31 3.29 14.67
N THR A 400 -5.57 2.35 15.56
CA THR A 400 -4.75 1.14 15.65
C THR A 400 -5.33 0.08 14.70
N PRO A 401 -4.62 -0.22 13.61
CA PRO A 401 -5.21 -1.01 12.53
C PRO A 401 -5.82 -2.33 13.00
N LEU A 402 -6.99 -2.62 12.43
CA LEU A 402 -7.57 -3.96 12.41
C LEU A 402 -6.69 -5.05 13.03
N MET A 403 -5.62 -5.43 12.34
CA MET A 403 -4.90 -6.67 12.64
C MET A 403 -4.02 -6.61 13.89
N HIS A 404 -3.61 -5.43 14.31
CA HIS A 404 -2.65 -5.31 15.41
C HIS A 404 -3.29 -5.44 16.79
N ASN A 405 -4.61 -5.50 16.83
CA ASN A 405 -5.30 -5.95 18.04
C ASN A 405 -4.96 -7.40 18.36
N ILE A 406 -4.77 -8.21 17.32
CA ILE A 406 -4.44 -9.63 17.45
C ILE A 406 -2.93 -9.88 17.45
N SER A 407 -2.22 -9.12 16.62
CA SER A 407 -0.79 -9.37 16.39
C SER A 407 0.03 -9.40 17.68
N GLY A 408 -0.36 -8.58 18.65
CA GLY A 408 0.46 -8.34 19.83
C GLY A 408 1.31 -7.09 19.67
N SER A 409 1.16 -6.42 18.53
CA SER A 409 1.84 -5.15 18.29
C SER A 409 0.84 -4.02 18.36
N LYS A 410 0.29 -3.80 19.56
CA LYS A 410 -0.74 -2.80 19.79
C LYS A 410 -0.25 -1.36 19.52
N TYR A 411 1.05 -1.16 19.70
CA TYR A 411 1.66 0.16 19.53
C TYR A 411 1.65 0.63 18.07
N LYS A 412 1.44 -0.28 17.13
CA LYS A 412 1.52 0.06 15.71
C LYS A 412 0.34 0.90 15.24
N LYS A 413 0.28 2.15 15.72
CA LYS A 413 -0.79 3.06 15.33
C LYS A 413 -0.56 3.61 13.93
N PHE A 414 -1.59 3.54 13.10
CA PHE A 414 -1.57 4.18 11.80
C PHE A 414 -1.98 5.63 11.96
N VAL A 415 -1.33 6.53 11.23
CA VAL A 415 -1.63 7.96 11.30
C VAL A 415 -1.82 8.51 9.90
N ALA A 416 -2.91 9.24 9.69
CA ALA A 416 -3.21 9.81 8.38
C ALA A 416 -3.56 11.28 8.55
N LYS A 417 -2.85 12.14 7.81
CA LYS A 417 -2.96 13.59 7.98
C LYS A 417 -3.06 14.27 6.63
N ILE A 418 -4.08 15.12 6.47
CA ILE A 418 -4.23 15.92 5.26
C ILE A 418 -4.21 17.40 5.62
N VAL A 419 -3.44 18.16 4.84
CA VAL A 419 -3.29 19.60 5.05
C VAL A 419 -3.85 20.32 3.82
N THR A 420 -4.72 21.30 4.06
CA THR A 420 -5.33 22.06 2.97
C THR A 420 -5.22 23.56 3.19
N ASN A 421 -5.12 24.30 2.08
CA ASN A 421 -5.55 25.68 2.05
C ASN A 421 -7.06 25.69 2.22
N HIS A 422 -7.51 26.13 3.39
CA HIS A 422 -8.93 26.04 3.73
C HIS A 422 -9.81 27.00 2.94
N SER A 423 -9.20 28.00 2.30
CA SER A 423 -9.94 28.94 1.46
C SER A 423 -10.74 28.19 0.40
N ASP A 424 -10.05 27.36 -0.40
CA ASP A 424 -10.69 26.58 -1.45
C ASP A 424 -10.54 25.07 -1.27
N GLY A 425 -9.96 24.65 -0.15
CA GLY A 425 -9.85 23.23 0.18
C GLY A 425 -8.88 22.43 -0.68
N THR A 426 -7.96 23.12 -1.35
CA THR A 426 -6.91 22.45 -2.12
C THR A 426 -5.95 21.72 -1.19
N VAL A 427 -5.65 20.46 -1.51
CA VAL A 427 -4.76 19.67 -0.66
C VAL A 427 -3.31 20.08 -0.88
N LEU A 428 -2.67 20.56 0.18
CA LEU A 428 -1.27 20.98 0.13
C LEU A 428 -0.35 19.86 0.58
N GLY A 429 -0.79 19.07 1.55
CA GLY A 429 0.03 18.01 2.12
C GLY A 429 -0.76 16.75 2.45
N VAL A 430 -0.07 15.62 2.43
CA VAL A 430 -0.62 14.36 2.88
C VAL A 430 0.49 13.55 3.53
N HIS A 431 0.30 13.14 4.78
CA HIS A 431 1.34 12.47 5.55
C HIS A 431 0.84 11.23 6.25
N LEU A 432 1.47 10.10 5.95
CA LEU A 432 1.01 8.78 6.35
C LEU A 432 2.07 8.05 7.16
N LEU A 433 1.65 7.41 8.24
CA LEU A 433 2.54 6.59 9.06
C LEU A 433 1.89 5.24 9.33
N GLY A 434 2.60 4.16 8.98
CA GLY A 434 2.08 2.81 9.16
C GLY A 434 2.30 1.97 7.93
N ASP A 435 2.20 0.66 8.10
CA ASP A 435 2.46 -0.27 7.01
C ASP A 435 1.54 -0.01 5.82
N GLY A 436 2.12 0.09 4.64
CA GLY A 436 1.38 0.45 3.42
C GLY A 436 1.61 1.87 2.95
N ALA A 437 2.04 2.75 3.85
CA ALA A 437 2.14 4.19 3.57
C ALA A 437 2.92 4.50 2.28
N PRO A 438 4.12 3.91 2.14
CA PRO A 438 4.91 4.17 0.93
C PRO A 438 4.17 3.85 -0.36
N GLU A 439 3.39 2.76 -0.35
CA GLU A 439 2.65 2.34 -1.53
C GLU A 439 1.38 3.18 -1.73
N ILE A 440 0.77 3.59 -0.63
CA ILE A 440 -0.45 4.40 -0.69
C ILE A 440 -0.19 5.76 -1.33
N ILE A 441 0.93 6.37 -0.96
CA ILE A 441 1.18 7.79 -1.26
C ILE A 441 1.43 8.06 -2.74
N GLN A 442 1.91 7.06 -3.47
CA GLN A 442 2.26 7.26 -4.88
C GLN A 442 1.12 7.90 -5.66
N ALA A 443 -0.06 7.29 -5.59
CA ALA A 443 -1.22 7.79 -6.33
C ALA A 443 -1.78 9.06 -5.70
N VAL A 444 -1.36 9.36 -4.47
CA VAL A 444 -1.69 10.64 -3.83
C VAL A 444 -0.89 11.74 -4.50
N GLY A 445 0.33 11.42 -4.90
CA GLY A 445 1.14 12.33 -5.71
C GLY A 445 0.39 12.77 -6.95
N VAL A 446 -0.23 11.81 -7.62
CA VAL A 446 -1.00 12.09 -8.84
C VAL A 446 -2.19 12.99 -8.53
N CYS A 447 -2.81 12.77 -7.37
CA CYS A 447 -3.94 13.59 -6.94
C CYS A 447 -3.52 15.04 -6.72
N LEU A 448 -2.46 15.24 -5.95
CA LEU A 448 -1.94 16.59 -5.71
C LEU A 448 -1.55 17.29 -7.00
N ARG A 449 -1.01 16.53 -7.96
CA ARG A 449 -0.67 17.06 -9.28
C ARG A 449 -1.92 17.52 -10.04
N LEU A 450 -3.05 16.88 -9.78
CA LEU A 450 -4.33 17.29 -10.36
C LEU A 450 -5.05 18.33 -9.48
N ASN A 451 -4.28 19.00 -8.62
CA ASN A 451 -4.84 20.02 -7.74
C ASN A 451 -6.09 19.53 -7.03
N ALA A 452 -5.99 18.35 -6.44
CA ALA A 452 -7.12 17.71 -5.78
C ALA A 452 -7.52 18.49 -4.55
N LYS A 453 -8.83 18.56 -4.29
CA LYS A 453 -9.36 19.20 -3.09
C LYS A 453 -9.80 18.13 -2.10
N ILE A 454 -9.93 18.52 -0.83
CA ILE A 454 -10.32 17.58 0.24
C ILE A 454 -11.60 16.82 -0.12
N SER A 455 -12.56 17.50 -0.74
CA SER A 455 -13.84 16.89 -1.08
C SER A 455 -13.70 15.78 -2.12
N ASP A 456 -12.67 15.88 -2.97
CA ASP A 456 -12.38 14.83 -3.94
C ASP A 456 -11.92 13.55 -3.23
N PHE A 457 -11.41 13.69 -2.01
CA PHE A 457 -10.98 12.55 -1.22
C PHE A 457 -12.13 11.89 -0.48
N TYR A 458 -12.92 12.68 0.25
CA TYR A 458 -13.97 12.10 1.07
C TYR A 458 -15.25 11.77 0.30
N ASN A 459 -15.37 12.27 -0.92
CA ASN A 459 -16.45 11.82 -1.82
C ASN A 459 -16.03 10.64 -2.69
N THR A 460 -14.78 10.22 -2.57
CA THR A 460 -14.33 8.98 -3.20
C THR A 460 -14.72 7.83 -2.30
N ILE A 461 -15.21 6.76 -2.90
CA ILE A 461 -15.69 5.60 -2.16
C ILE A 461 -14.50 4.74 -1.73
N GLY A 462 -14.47 4.39 -0.45
CA GLY A 462 -13.35 3.65 0.12
C GLY A 462 -13.21 2.24 -0.42
N VAL A 463 -12.02 1.68 -0.30
CA VAL A 463 -11.79 0.25 -0.47
C VAL A 463 -11.61 -0.33 0.93
N HIS A 464 -12.46 -1.29 1.28
CA HIS A 464 -12.55 -1.77 2.65
C HIS A 464 -12.34 -3.28 2.69
N PRO A 465 -11.51 -3.75 3.64
CA PRO A 465 -10.75 -2.97 4.61
C PRO A 465 -9.34 -2.63 4.12
N THR A 466 -8.98 -1.35 4.22
CA THR A 466 -7.61 -0.91 3.97
C THR A 466 -7.27 0.19 4.97
N SER A 467 -5.97 0.45 5.13
CA SER A 467 -5.54 1.64 5.86
C SER A 467 -5.71 2.88 4.99
N ALA A 468 -5.55 2.71 3.67
CA ALA A 468 -5.73 3.80 2.71
C ALA A 468 -7.13 4.40 2.78
N GLU A 469 -8.11 3.55 3.02
CA GLU A 469 -9.50 3.95 3.28
C GLU A 469 -9.62 5.26 4.06
N GLU A 470 -8.79 5.41 5.10
CA GLU A 470 -8.90 6.52 6.03
C GLU A 470 -8.85 7.90 5.34
N LEU A 471 -8.07 7.98 4.26
CA LEU A 471 -7.92 9.22 3.50
C LEU A 471 -9.23 9.70 2.84
N CYS A 472 -10.19 8.80 2.71
CA CYS A 472 -11.50 9.15 2.16
C CYS A 472 -12.56 9.28 3.24
N SER A 473 -12.14 9.25 4.50
CA SER A 473 -13.08 9.22 5.63
C SER A 473 -12.86 10.39 6.58
N MET A 474 -12.28 11.48 6.07
CA MET A 474 -12.04 12.66 6.90
C MET A 474 -12.70 13.88 6.26
N ARG A 475 -13.80 14.31 6.87
CA ARG A 475 -14.64 15.37 6.31
C ARG A 475 -14.52 16.69 7.07
N THR A 476 -14.21 16.61 8.37
CA THR A 476 -14.19 17.78 9.24
C THR A 476 -12.81 17.99 9.85
N PRO A 477 -12.27 19.22 9.75
CA PRO A 477 -10.96 19.53 10.32
C PRO A 477 -10.86 19.24 11.82
N SER A 478 -9.66 18.89 12.28
CA SER A 478 -9.37 18.70 13.70
C SER A 478 -8.92 20.01 14.33
N TYR A 479 -8.17 20.79 13.57
CA TYR A 479 -7.82 22.16 13.97
C TYR A 479 -7.39 22.96 12.74
N TYR A 480 -7.07 24.24 12.94
CA TYR A 480 -6.68 25.11 11.84
C TYR A 480 -5.42 25.88 12.17
N TYR A 481 -4.84 26.50 11.14
CA TYR A 481 -3.82 27.54 11.30
C TYR A 481 -4.29 28.80 10.57
N VAL A 482 -4.59 29.86 11.33
CA VAL A 482 -4.93 31.15 10.73
C VAL A 482 -3.81 32.16 11.00
N LYS A 483 -3.33 32.80 9.95
CA LYS A 483 -2.21 33.76 10.03
C LYS A 483 -0.91 33.13 10.55
N GLY A 484 -0.94 31.84 10.86
CA GLY A 484 0.20 31.17 11.50
C GLY A 484 -0.04 30.76 12.95
N GLU A 485 -1.28 30.92 13.43
CA GLU A 485 -1.61 30.56 14.82
C GLU A 485 -2.49 29.32 14.88
N LYS A 486 -2.23 28.48 15.89
CA LYS A 486 -2.90 27.19 16.04
C LYS A 486 -4.01 27.26 17.09
N MET A 487 -5.25 27.02 16.66
CA MET A 487 -6.35 26.78 17.57
C MET A 487 -7.40 25.88 16.92
N GLU A 488 -8.33 25.37 17.73
CA GLU A 488 -9.23 24.30 17.29
C GLU A 488 -10.34 24.82 16.37
N LYS A 489 -11.04 25.86 16.79
CA LYS A 489 -12.16 26.39 16.03
C LYS A 489 -11.76 27.63 15.23
N LEU A 490 -12.32 27.76 14.03
CA LEU A 490 -12.26 29.02 13.29
C LEU A 490 -13.18 30.02 13.97
N PRO A 491 -12.65 31.20 14.35
CA PRO A 491 -13.49 32.24 14.91
C PRO A 491 -14.27 33.00 13.85
N LYS B 6 -44.76 3.60 19.43
CA LYS B 6 -43.49 4.39 19.38
C LYS B 6 -43.32 5.04 18.00
N ALA B 7 -43.08 6.35 17.97
CA ALA B 7 -43.06 7.13 16.72
C ALA B 7 -41.66 7.68 16.40
N PHE B 8 -41.25 7.53 15.14
CA PHE B 8 -39.88 7.85 14.73
C PHE B 8 -39.84 8.57 13.38
N ASP B 9 -38.76 9.31 13.14
CA ASP B 9 -38.56 9.94 11.85
C ASP B 9 -38.11 8.89 10.83
N LEU B 10 -37.20 8.02 11.26
CA LEU B 10 -36.69 6.97 10.39
C LEU B 10 -36.64 5.65 11.16
N VAL B 11 -37.10 4.58 10.52
CA VAL B 11 -36.90 3.22 11.03
C VAL B 11 -36.08 2.43 10.03
N VAL B 12 -34.96 1.88 10.50
CA VAL B 12 -34.04 1.13 9.65
C VAL B 12 -34.13 -0.35 10.01
N ILE B 13 -34.48 -1.17 9.03
CA ILE B 13 -34.45 -2.61 9.21
C ILE B 13 -33.09 -3.12 8.76
N GLY B 14 -32.34 -3.69 9.70
CA GLY B 14 -30.99 -4.17 9.44
C GLY B 14 -29.95 -3.18 9.90
N ALA B 15 -29.26 -3.51 11.00
CA ALA B 15 -28.25 -2.63 11.58
C ALA B 15 -26.88 -2.94 10.98
N GLY B 16 -26.76 -2.76 9.68
CA GLY B 16 -25.55 -3.14 8.97
C GLY B 16 -24.79 -1.95 8.42
N SER B 17 -23.82 -2.24 7.54
CA SER B 17 -23.00 -1.20 6.93
C SER B 17 -23.81 0.02 6.52
N GLY B 18 -24.79 -0.21 5.63
CA GLY B 18 -25.59 0.90 5.10
C GLY B 18 -26.61 1.43 6.10
N GLY B 19 -27.25 0.51 6.81
CA GLY B 19 -28.29 0.87 7.77
C GLY B 19 -27.77 1.74 8.90
N LEU B 20 -26.71 1.29 9.55
CA LEU B 20 -26.14 2.01 10.69
C LEU B 20 -25.68 3.42 10.30
N GLU B 21 -24.97 3.53 9.18
CA GLU B 21 -24.50 4.82 8.70
C GLU B 21 -25.66 5.78 8.51
N ALA B 22 -26.77 5.28 7.96
CA ALA B 22 -27.94 6.10 7.75
C ALA B 22 -28.51 6.56 9.09
N GLY B 23 -28.71 5.61 10.00
CA GLY B 23 -29.26 5.92 11.31
C GLY B 23 -28.40 6.88 12.11
N TRP B 24 -27.10 6.60 12.16
CA TRP B 24 -26.16 7.45 12.88
C TRP B 24 -26.17 8.87 12.32
N ASN B 25 -26.12 9.01 11.00
CA ASN B 25 -26.13 10.32 10.36
C ASN B 25 -27.40 11.09 10.65
N ALA B 26 -28.55 10.47 10.44
CA ALA B 26 -29.83 11.12 10.67
C ALA B 26 -29.95 11.62 12.11
N ALA B 27 -29.49 10.80 13.05
CA ALA B 27 -29.60 11.11 14.47
C ALA B 27 -28.63 12.21 14.90
N THR B 28 -27.38 12.10 14.44
CA THR B 28 -26.31 12.96 14.94
C THR B 28 -26.13 14.23 14.13
N LEU B 29 -26.45 14.18 12.83
CA LEU B 29 -26.27 15.35 11.96
C LEU B 29 -27.52 16.22 11.92
N TYR B 30 -28.69 15.59 11.94
CA TYR B 30 -29.95 16.32 11.78
C TYR B 30 -30.94 16.07 12.91
N GLY B 31 -30.47 15.51 14.02
CA GLY B 31 -31.26 15.45 15.25
C GLY B 31 -32.60 14.74 15.15
N LYS B 32 -32.66 13.71 14.30
CA LYS B 32 -33.90 12.98 14.06
C LYS B 32 -34.02 11.79 15.01
N ARG B 33 -35.25 11.31 15.19
CA ARG B 33 -35.52 10.17 16.05
C ARG B 33 -35.48 8.87 15.22
N VAL B 34 -34.55 7.99 15.56
CA VAL B 34 -34.22 6.84 14.71
C VAL B 34 -34.32 5.53 15.47
N ALA B 35 -34.97 4.55 14.84
CA ALA B 35 -34.98 3.18 15.33
C ALA B 35 -34.25 2.27 14.34
N VAL B 36 -33.42 1.37 14.86
CA VAL B 36 -32.69 0.42 14.03
C VAL B 36 -32.95 -0.99 14.56
N VAL B 37 -33.26 -1.90 13.64
CA VAL B 37 -33.66 -3.26 14.00
C VAL B 37 -32.65 -4.29 13.51
N ASP B 38 -32.30 -5.24 14.37
CA ASP B 38 -31.48 -6.36 13.96
C ASP B 38 -31.72 -7.55 14.88
N VAL B 39 -31.30 -8.72 14.43
CA VAL B 39 -31.72 -9.99 15.01
C VAL B 39 -30.80 -10.45 16.13
N GLN B 40 -29.58 -9.92 16.14
CA GLN B 40 -28.59 -10.23 17.17
C GLN B 40 -27.82 -8.97 17.54
N THR B 41 -27.18 -8.98 18.71
CA THR B 41 -26.27 -7.90 19.08
C THR B 41 -24.80 -8.25 18.83
N SER B 42 -24.51 -9.53 18.55
CA SER B 42 -23.15 -9.95 18.23
C SER B 42 -23.10 -11.10 17.23
N HIS B 43 -21.89 -11.32 16.69
CA HIS B 43 -21.68 -12.21 15.56
C HIS B 43 -22.02 -13.67 15.85
N GLY B 44 -22.36 -14.40 14.79
CA GLY B 44 -22.32 -15.86 14.80
C GLY B 44 -23.68 -16.55 14.84
N PRO B 45 -23.67 -17.88 14.96
CA PRO B 45 -24.89 -18.66 15.01
C PRO B 45 -25.79 -18.23 16.18
N PRO B 46 -27.11 -18.33 16.00
CA PRO B 46 -27.76 -18.94 14.84
C PRO B 46 -27.96 -18.06 13.58
N PHE B 47 -27.77 -16.74 13.69
CA PHE B 47 -28.09 -15.85 12.57
C PHE B 47 -26.88 -15.18 11.89
N TYR B 48 -25.68 -15.42 12.43
CA TYR B 48 -24.41 -15.04 11.78
C TYR B 48 -24.21 -13.53 11.73
N ALA B 49 -24.84 -12.88 10.76
CA ALA B 49 -24.88 -11.42 10.73
C ALA B 49 -25.64 -10.92 11.95
N ALA B 50 -25.38 -9.67 12.32
CA ALA B 50 -25.84 -9.14 13.59
C ALA B 50 -25.68 -7.63 13.57
N LEU B 51 -25.88 -7.00 14.71
CA LEU B 51 -25.56 -5.60 14.90
C LEU B 51 -24.18 -5.30 14.34
N GLY B 52 -24.13 -4.41 13.34
CA GLY B 52 -22.88 -4.08 12.66
C GLY B 52 -22.90 -4.49 11.20
N GLY B 53 -23.53 -5.62 10.91
CA GLY B 53 -23.77 -6.04 9.54
C GLY B 53 -23.01 -7.29 9.14
N THR B 54 -23.18 -7.68 7.89
CA THR B 54 -22.52 -8.85 7.32
C THR B 54 -21.00 -8.65 7.30
N CYS B 55 -20.58 -7.44 6.95
CA CYS B 55 -19.17 -7.11 6.83
C CYS B 55 -18.40 -7.24 8.16
N VAL B 56 -19.02 -6.74 9.23
CA VAL B 56 -18.38 -6.74 10.54
C VAL B 56 -18.34 -8.13 11.13
N ASN B 57 -19.45 -8.88 10.96
CA ASN B 57 -19.64 -10.12 11.67
C ASN B 57 -19.21 -11.36 10.89
N VAL B 58 -19.55 -11.39 9.60
CA VAL B 58 -19.21 -12.53 8.74
C VAL B 58 -18.83 -12.08 7.33
N GLY B 59 -17.98 -11.05 7.24
CA GLY B 59 -17.57 -10.52 5.95
C GLY B 59 -16.17 -9.91 5.98
N CYS B 60 -16.07 -8.67 5.51
CA CYS B 60 -14.79 -8.05 5.22
C CYS B 60 -13.83 -8.14 6.40
N VAL B 61 -14.34 -7.87 7.60
CA VAL B 61 -13.49 -7.77 8.78
C VAL B 61 -12.90 -9.13 9.16
N PRO B 62 -13.74 -10.12 9.47
CA PRO B 62 -13.18 -11.43 9.87
C PRO B 62 -12.38 -12.13 8.77
N LYS B 63 -12.79 -11.99 7.52
CA LYS B 63 -12.09 -12.66 6.41
C LYS B 63 -10.69 -12.08 6.19
N LYS B 64 -10.55 -10.77 6.42
CA LYS B 64 -9.26 -10.10 6.26
C LYS B 64 -8.29 -10.59 7.33
N LEU B 65 -8.74 -10.61 8.57
CA LEU B 65 -7.93 -11.13 9.66
C LEU B 65 -7.49 -12.55 9.38
N MET B 66 -8.37 -13.33 8.76
CA MET B 66 -8.09 -14.72 8.47
C MET B 66 -7.15 -14.86 7.26
N VAL B 67 -7.31 -14.00 6.26
CA VAL B 67 -6.35 -13.93 5.16
C VAL B 67 -4.98 -13.54 5.70
N THR B 68 -4.96 -12.51 6.53
CA THR B 68 -3.74 -12.07 7.18
C THR B 68 -3.07 -13.21 7.95
N GLY B 69 -3.88 -14.02 8.63
CA GLY B 69 -3.38 -15.23 9.28
C GLY B 69 -2.76 -16.18 8.28
N ALA B 70 -3.40 -16.35 7.13
CA ALA B 70 -2.96 -17.30 6.12
C ALA B 70 -1.68 -16.84 5.42
N GLN B 71 -1.47 -15.53 5.36
CA GLN B 71 -0.27 -14.96 4.73
C GLN B 71 1.01 -15.36 5.47
N TYR B 72 0.90 -15.74 6.73
CA TYR B 72 2.07 -16.11 7.51
C TYR B 72 2.70 -17.43 7.08
N MET B 73 1.95 -18.27 6.38
CA MET B 73 2.53 -19.46 5.75
C MET B 73 3.63 -19.04 4.79
N ASP B 74 3.31 -18.06 3.94
CA ASP B 74 4.26 -17.53 2.97
C ASP B 74 5.43 -16.82 3.65
N HIS B 75 5.11 -15.85 4.51
CA HIS B 75 6.15 -15.10 5.23
C HIS B 75 7.18 -16.03 5.88
N LEU B 76 6.72 -17.06 6.58
CA LEU B 76 7.61 -17.99 7.27
C LEU B 76 8.52 -18.74 6.29
N ARG B 77 7.95 -19.18 5.17
CA ARG B 77 8.73 -19.81 4.12
C ARG B 77 9.68 -18.79 3.47
N GLU B 78 9.15 -17.62 3.16
CA GLU B 78 9.88 -16.58 2.42
C GLU B 78 11.02 -15.95 3.20
N SER B 79 10.94 -16.01 4.54
CA SER B 79 11.94 -15.38 5.40
C SER B 79 13.36 -15.94 5.23
N ALA B 80 13.45 -17.19 4.75
CA ALA B 80 14.74 -17.87 4.63
C ALA B 80 15.62 -17.22 3.57
N GLY B 81 15.02 -16.78 2.47
CA GLY B 81 15.70 -16.01 1.45
C GLY B 81 16.45 -14.81 2.01
N PHE B 82 15.92 -14.24 3.10
CA PHE B 82 16.53 -13.07 3.72
C PHE B 82 17.30 -13.43 5.00
N GLY B 83 17.69 -14.69 5.11
CA GLY B 83 18.65 -15.11 6.13
C GLY B 83 18.02 -15.52 7.45
N TRP B 84 16.72 -15.77 7.44
CA TRP B 84 16.04 -16.22 8.66
C TRP B 84 16.06 -17.74 8.75
N GLU B 85 16.47 -18.24 9.90
CA GLU B 85 16.65 -19.68 10.10
C GLU B 85 15.86 -20.14 11.31
N PHE B 86 15.08 -21.20 11.13
CA PHE B 86 14.40 -21.87 12.23
C PHE B 86 13.98 -23.27 11.81
N ASP B 87 13.62 -24.09 12.80
CA ASP B 87 13.17 -25.46 12.56
C ASP B 87 11.84 -25.48 11.79
N GLY B 88 11.92 -25.69 10.49
CA GLY B 88 10.73 -25.67 9.63
C GLY B 88 9.72 -26.76 9.94
N SER B 89 10.21 -27.87 10.49
CA SER B 89 9.35 -29.00 10.85
C SER B 89 8.59 -28.73 12.16
N SER B 90 8.97 -27.68 12.88
CA SER B 90 8.26 -27.28 14.09
C SER B 90 7.09 -26.35 13.77
N VAL B 91 7.02 -25.88 12.52
CA VAL B 91 5.97 -24.96 12.10
C VAL B 91 4.63 -25.68 12.01
N LYS B 92 3.61 -25.13 12.66
CA LYS B 92 2.24 -25.56 12.44
C LYS B 92 1.24 -24.44 12.77
N ALA B 93 0.08 -24.49 12.13
CA ALA B 93 -0.95 -23.46 12.29
C ALA B 93 -2.10 -23.99 13.13
N ASN B 94 -2.46 -23.25 14.18
CA ASN B 94 -3.61 -23.61 15.05
C ASN B 94 -4.86 -22.83 14.67
N TRP B 95 -5.81 -23.54 14.07
CA TRP B 95 -7.01 -22.93 13.50
C TRP B 95 -7.96 -22.38 14.57
N LYS B 96 -8.02 -23.05 15.71
CA LYS B 96 -8.92 -22.63 16.79
C LYS B 96 -8.48 -21.31 17.39
N LYS B 97 -7.17 -21.06 17.38
CA LYS B 97 -6.63 -19.79 17.85
C LYS B 97 -6.92 -18.64 16.87
N LEU B 98 -6.86 -18.94 15.58
CA LEU B 98 -7.26 -17.96 14.57
C LEU B 98 -8.72 -17.58 14.74
N ILE B 99 -9.58 -18.59 14.76
CA ILE B 99 -11.02 -18.37 14.97
C ILE B 99 -11.29 -17.62 16.26
N ALA B 100 -10.67 -18.06 17.35
CA ALA B 100 -10.84 -17.43 18.67
C ALA B 100 -10.44 -15.95 18.66
N ALA B 101 -9.35 -15.63 17.98
CA ALA B 101 -8.86 -14.26 17.91
C ALA B 101 -9.76 -13.39 17.05
N LYS B 102 -10.19 -13.94 15.92
CA LYS B 102 -11.16 -13.27 15.05
C LYS B 102 -12.45 -12.97 15.82
N ASN B 103 -12.87 -13.91 16.66
CA ASN B 103 -14.07 -13.74 17.46
C ASN B 103 -13.98 -12.57 18.43
N GLU B 104 -12.83 -12.43 19.09
CA GLU B 104 -12.60 -11.30 19.99
C GLU B 104 -12.67 -9.96 19.25
N ALA B 105 -11.98 -9.89 18.12
CA ALA B 105 -11.89 -8.65 17.35
C ALA B 105 -13.26 -8.21 16.86
N VAL B 106 -14.05 -9.16 16.38
CA VAL B 106 -15.39 -8.87 15.91
C VAL B 106 -16.30 -8.49 17.08
N LEU B 107 -16.10 -9.14 18.21
CA LEU B 107 -16.94 -8.90 19.39
C LEU B 107 -16.75 -7.48 19.90
N ASP B 108 -15.52 -6.99 19.88
CA ASP B 108 -15.23 -5.63 20.37
C ASP B 108 -15.94 -4.59 19.52
N ILE B 109 -16.08 -4.86 18.23
CA ILE B 109 -16.84 -3.97 17.36
C ILE B 109 -18.32 -4.06 17.71
N ASN B 110 -18.81 -5.27 17.93
CA ASN B 110 -20.18 -5.46 18.42
C ASN B 110 -20.41 -4.67 19.71
N LYS B 111 -19.50 -4.86 20.69
CA LYS B 111 -19.57 -4.15 21.97
C LYS B 111 -19.52 -2.64 21.81
N SER B 112 -18.75 -2.18 20.82
CA SER B 112 -18.56 -0.77 20.59
C SER B 112 -19.82 -0.14 19.99
N TYR B 113 -20.51 -0.87 19.13
CA TYR B 113 -21.73 -0.39 18.50
C TYR B 113 -22.88 -0.27 19.50
N GLU B 114 -22.99 -1.25 20.39
CA GLU B 114 -23.76 -1.06 21.60
C GLU B 114 -22.94 -0.10 22.44
N GLY B 115 -23.60 0.83 23.12
CA GLY B 115 -22.86 1.93 23.74
C GLY B 115 -22.86 3.15 22.86
N MET B 116 -22.76 2.94 21.54
CA MET B 116 -23.06 4.00 20.58
C MET B 116 -24.55 4.31 20.68
N PHE B 117 -25.37 3.27 20.61
CA PHE B 117 -26.81 3.42 20.80
C PHE B 117 -27.11 3.95 22.19
N ASN B 118 -26.50 3.35 23.20
CA ASN B 118 -26.76 3.70 24.60
C ASN B 118 -26.46 5.16 24.92
N ASP B 119 -25.45 5.74 24.26
CA ASP B 119 -25.01 7.10 24.58
C ASP B 119 -25.51 8.17 23.62
N THR B 120 -26.12 7.78 22.51
CA THR B 120 -26.60 8.73 21.50
C THR B 120 -28.12 8.82 21.56
N GLU B 121 -28.64 9.99 21.94
CA GLU B 121 -30.08 10.17 22.07
C GLU B 121 -30.71 10.37 20.71
N GLY B 122 -31.94 9.88 20.56
CA GLY B 122 -32.64 9.89 19.27
C GLY B 122 -32.25 8.71 18.39
N LEU B 123 -31.46 7.78 18.93
CA LEU B 123 -30.98 6.63 18.18
C LEU B 123 -31.11 5.35 19.00
N ASP B 124 -32.13 4.56 18.71
CA ASP B 124 -32.48 3.40 19.52
C ASP B 124 -32.39 2.09 18.75
N PHE B 125 -31.98 1.04 19.47
CA PHE B 125 -31.86 -0.29 18.90
C PHE B 125 -33.03 -1.16 19.35
N PHE B 126 -33.51 -2.00 18.44
CA PHE B 126 -34.56 -2.95 18.77
C PHE B 126 -34.18 -4.35 18.29
N LEU B 127 -34.19 -5.30 19.22
CA LEU B 127 -33.81 -6.67 18.93
C LEU B 127 -35.00 -7.44 18.38
N GLY B 128 -34.83 -8.02 17.20
CA GLY B 128 -35.86 -8.88 16.60
C GLY B 128 -35.91 -8.74 15.10
N TRP B 129 -37.02 -9.20 14.51
CA TRP B 129 -37.14 -9.30 13.06
C TRP B 129 -38.13 -8.29 12.53
N GLY B 130 -37.62 -7.31 11.79
CA GLY B 130 -38.44 -6.24 11.25
C GLY B 130 -39.24 -6.73 10.06
N SER B 131 -40.33 -6.04 9.78
CA SER B 131 -41.19 -6.37 8.64
C SER B 131 -42.17 -5.24 8.37
N LEU B 132 -42.64 -5.15 7.14
CA LEU B 132 -43.63 -4.14 6.77
C LEU B 132 -45.05 -4.67 7.03
N GLU B 133 -45.71 -4.08 8.02
CA GLU B 133 -47.11 -4.35 8.28
C GLU B 133 -47.95 -3.43 7.39
N SER B 134 -47.59 -2.15 7.40
CA SER B 134 -48.26 -1.11 6.65
C SER B 134 -47.19 -0.15 6.16
N LYS B 135 -47.57 0.83 5.33
CA LYS B 135 -46.59 1.73 4.73
C LYS B 135 -45.90 2.67 5.73
N ASN B 136 -46.45 2.76 6.93
CA ASN B 136 -45.86 3.59 7.99
C ASN B 136 -45.64 2.84 9.30
N VAL B 137 -45.74 1.52 9.27
CA VAL B 137 -45.53 0.70 10.45
C VAL B 137 -44.57 -0.46 10.18
N VAL B 138 -43.42 -0.43 10.84
CA VAL B 138 -42.53 -1.56 10.90
C VAL B 138 -42.88 -2.41 12.12
N VAL B 139 -43.25 -3.67 11.90
CA VAL B 139 -43.47 -4.59 13.00
C VAL B 139 -42.19 -5.37 13.31
N VAL B 140 -41.88 -5.48 14.60
CA VAL B 140 -40.76 -6.29 15.06
C VAL B 140 -41.32 -7.52 15.75
N ARG B 141 -40.90 -8.70 15.31
CA ARG B 141 -41.37 -9.96 15.88
C ARG B 141 -40.21 -10.75 16.48
N GLU B 142 -40.54 -11.81 17.20
CA GLU B 142 -39.53 -12.64 17.86
C GLU B 142 -38.71 -13.48 16.89
N THR B 143 -39.33 -13.92 15.79
CA THR B 143 -38.62 -14.68 14.77
C THR B 143 -38.94 -14.15 13.38
N ALA B 144 -38.31 -14.74 12.37
CA ALA B 144 -38.53 -14.37 10.98
C ALA B 144 -39.90 -14.80 10.48
N ASP B 145 -40.56 -15.65 11.25
CA ASP B 145 -41.88 -16.20 10.91
C ASP B 145 -42.97 -15.18 11.25
N PRO B 146 -43.89 -14.91 10.29
CA PRO B 146 -44.97 -13.94 10.55
C PRO B 146 -45.90 -14.35 11.71
N LYS B 147 -45.94 -15.63 12.03
CA LYS B 147 -46.76 -16.12 13.14
C LYS B 147 -46.16 -15.83 14.52
N SER B 148 -44.91 -15.38 14.56
CA SER B 148 -44.24 -15.18 15.85
C SER B 148 -44.77 -13.93 16.53
N ALA B 149 -44.58 -13.87 17.84
CA ALA B 149 -45.17 -12.82 18.66
C ALA B 149 -44.60 -11.46 18.29
N VAL B 150 -45.47 -10.46 18.26
CA VAL B 150 -45.05 -9.07 18.07
C VAL B 150 -44.32 -8.57 19.31
N LYS B 151 -43.19 -7.91 19.11
CA LYS B 151 -42.45 -7.26 20.19
C LYS B 151 -42.69 -5.75 20.19
N GLU B 152 -42.69 -5.15 19.00
CA GLU B 152 -42.88 -3.70 18.85
C GLU B 152 -43.66 -3.38 17.58
N ARG B 153 -44.30 -2.21 17.58
CA ARG B 153 -44.90 -1.65 16.37
C ARG B 153 -44.43 -0.21 16.24
N LEU B 154 -43.50 0.01 15.33
CA LEU B 154 -42.81 1.31 15.24
C LEU B 154 -43.44 2.16 14.14
N GLN B 155 -44.12 3.23 14.56
CA GLN B 155 -44.61 4.24 13.62
C GLN B 155 -43.41 4.93 12.98
N ALA B 156 -43.48 5.16 11.68
CA ALA B 156 -42.34 5.71 10.94
C ALA B 156 -42.78 6.62 9.80
N ASP B 157 -42.19 7.81 9.74
CA ASP B 157 -42.36 8.69 8.59
C ASP B 157 -41.58 8.13 7.40
N HIS B 158 -40.44 7.53 7.70
CA HIS B 158 -39.56 6.97 6.67
C HIS B 158 -39.11 5.56 7.10
N ILE B 159 -39.04 4.66 6.12
CA ILE B 159 -38.56 3.30 6.36
C ILE B 159 -37.41 2.98 5.41
N LEU B 160 -36.30 2.49 5.96
CA LEU B 160 -35.14 2.10 5.17
C LEU B 160 -34.96 0.58 5.24
N LEU B 161 -35.03 -0.06 4.08
CA LEU B 161 -34.78 -1.50 3.97
C LEU B 161 -33.29 -1.73 3.70
N ALA B 162 -32.63 -2.45 4.60
CA ALA B 162 -31.18 -2.65 4.51
C ALA B 162 -30.77 -3.99 5.11
N THR B 163 -31.38 -5.06 4.63
CA THR B 163 -31.18 -6.39 5.22
C THR B 163 -30.08 -7.19 4.53
N GLY B 164 -29.44 -6.58 3.53
CA GLY B 164 -28.25 -7.16 2.90
C GLY B 164 -28.58 -8.30 1.96
N SER B 165 -27.70 -9.31 1.93
CA SER B 165 -27.89 -10.48 1.08
C SER B 165 -27.65 -11.75 1.87
N TRP B 166 -27.89 -12.88 1.24
CA TRP B 166 -27.75 -14.18 1.88
C TRP B 166 -27.08 -15.16 0.92
N PRO B 167 -26.24 -16.08 1.45
CA PRO B 167 -25.57 -17.05 0.59
C PRO B 167 -26.54 -17.92 -0.21
N GLN B 168 -26.46 -17.84 -1.54
CA GLN B 168 -27.24 -18.69 -2.42
C GLN B 168 -26.73 -20.12 -2.36
N MET B 169 -27.65 -21.07 -2.14
CA MET B 169 -27.29 -22.47 -2.04
C MET B 169 -28.02 -23.26 -3.11
N PRO B 170 -27.28 -23.98 -3.98
CA PRO B 170 -27.90 -24.69 -5.09
C PRO B 170 -28.73 -25.87 -4.63
N ALA B 171 -29.78 -26.19 -5.39
CA ALA B 171 -30.74 -27.21 -4.99
C ALA B 171 -30.35 -28.59 -5.48
N ILE B 172 -29.17 -29.05 -5.06
CA ILE B 172 -28.71 -30.41 -5.37
C ILE B 172 -28.96 -31.32 -4.19
N PRO B 173 -29.10 -32.64 -4.46
CA PRO B 173 -29.21 -33.60 -3.36
C PRO B 173 -27.94 -33.67 -2.53
N GLY B 174 -28.09 -33.69 -1.21
CA GLY B 174 -26.97 -33.62 -0.30
C GLY B 174 -26.50 -32.22 0.02
N ILE B 175 -27.22 -31.20 -0.47
CA ILE B 175 -26.90 -29.81 -0.14
C ILE B 175 -26.83 -29.59 1.37
N GLU B 176 -27.62 -30.35 2.13
CA GLU B 176 -27.57 -30.34 3.60
C GLU B 176 -26.18 -30.61 4.15
N HIS B 177 -25.35 -31.31 3.38
CA HIS B 177 -24.02 -31.69 3.85
C HIS B 177 -22.98 -30.63 3.48
N CYS B 178 -23.42 -29.59 2.79
CA CYS B 178 -22.55 -28.47 2.41
C CYS B 178 -22.73 -27.30 3.36
N ILE B 179 -21.84 -26.32 3.27
CA ILE B 179 -21.94 -25.10 4.07
C ILE B 179 -21.81 -23.88 3.17
N SER B 180 -21.90 -22.70 3.78
CA SER B 180 -21.61 -21.43 3.09
C SER B 180 -20.49 -20.71 3.83
N SER B 181 -20.17 -19.50 3.38
CA SER B 181 -19.19 -18.66 4.06
C SER B 181 -19.53 -18.50 5.55
N ASN B 182 -20.82 -18.35 5.83
CA ASN B 182 -21.31 -18.17 7.18
C ASN B 182 -20.76 -19.19 8.17
N GLU B 183 -20.89 -20.47 7.84
CA GLU B 183 -20.44 -21.55 8.72
C GLU B 183 -18.94 -21.72 8.68
N ALA B 184 -18.32 -21.41 7.54
CA ALA B 184 -16.88 -21.51 7.38
C ALA B 184 -16.13 -20.69 8.44
N PHE B 185 -16.71 -19.54 8.81
CA PHE B 185 -16.17 -18.69 9.86
C PHE B 185 -16.18 -19.33 11.25
N TYR B 186 -16.86 -20.48 11.41
CA TYR B 186 -17.01 -21.07 12.74
C TYR B 186 -16.65 -22.56 12.80
N LEU B 187 -16.02 -23.08 11.75
CA LEU B 187 -15.62 -24.49 11.74
C LEU B 187 -14.75 -24.80 12.97
N PRO B 188 -15.10 -25.85 13.71
CA PRO B 188 -14.31 -26.24 14.89
C PRO B 188 -12.90 -26.70 14.57
N GLU B 189 -12.73 -27.34 13.41
CA GLU B 189 -11.43 -27.82 12.95
C GLU B 189 -11.19 -27.35 11.53
N PRO B 190 -9.92 -27.14 11.14
CA PRO B 190 -9.63 -26.80 9.75
C PRO B 190 -9.77 -28.03 8.86
N PRO B 191 -10.43 -27.88 7.71
CA PRO B 191 -10.64 -29.03 6.83
C PRO B 191 -9.35 -29.52 6.17
N ARG B 192 -9.09 -30.82 6.29
CA ARG B 192 -7.95 -31.47 5.64
C ARG B 192 -8.12 -31.41 4.14
N ARG B 193 -9.27 -31.87 3.67
CA ARG B 193 -9.66 -31.71 2.27
C ARG B 193 -10.86 -30.77 2.25
N VAL B 194 -10.89 -29.87 1.27
CA VAL B 194 -12.00 -28.95 1.14
C VAL B 194 -12.26 -28.57 -0.31
N LEU B 195 -13.53 -28.56 -0.67
CA LEU B 195 -13.96 -28.07 -1.97
C LEU B 195 -14.67 -26.74 -1.78
N THR B 196 -14.12 -25.68 -2.35
CA THR B 196 -14.80 -24.39 -2.38
C THR B 196 -15.45 -24.22 -3.74
N VAL B 197 -16.78 -24.12 -3.76
CA VAL B 197 -17.53 -24.10 -5.01
C VAL B 197 -17.88 -22.68 -5.40
N GLY B 198 -17.24 -22.19 -6.46
CA GLY B 198 -17.52 -20.86 -7.00
C GLY B 198 -16.25 -20.21 -7.51
N GLY B 199 -16.40 -19.34 -8.50
CA GLY B 199 -15.27 -18.63 -9.08
C GLY B 199 -15.15 -17.19 -8.61
N GLY B 200 -16.01 -16.81 -7.66
CA GLY B 200 -16.04 -15.44 -7.15
C GLY B 200 -15.01 -15.23 -6.05
N PHE B 201 -14.94 -13.99 -5.56
CA PHE B 201 -13.92 -13.59 -4.61
C PHE B 201 -13.98 -14.36 -3.28
N ILE B 202 -15.19 -14.67 -2.82
CA ILE B 202 -15.36 -15.36 -1.53
C ILE B 202 -14.66 -16.72 -1.56
N SER B 203 -14.95 -17.48 -2.62
CA SER B 203 -14.37 -18.81 -2.81
C SER B 203 -12.85 -18.74 -2.87
N VAL B 204 -12.33 -17.79 -3.63
CA VAL B 204 -10.89 -17.64 -3.80
C VAL B 204 -10.22 -17.34 -2.46
N GLU B 205 -10.74 -16.34 -1.76
CA GLU B 205 -10.18 -15.92 -0.50
C GLU B 205 -10.16 -17.05 0.52
N PHE B 206 -11.28 -17.77 0.62
CA PHE B 206 -11.35 -18.88 1.57
C PHE B 206 -10.44 -20.03 1.18
N ALA B 207 -10.28 -20.25 -0.12
CA ALA B 207 -9.36 -21.28 -0.60
C ALA B 207 -7.95 -21.00 -0.09
N GLY B 208 -7.56 -19.74 -0.11
CA GLY B 208 -6.26 -19.31 0.42
C GLY B 208 -6.17 -19.50 1.92
N ILE B 209 -7.27 -19.24 2.62
CA ILE B 209 -7.29 -19.37 4.07
C ILE B 209 -7.15 -20.83 4.46
N PHE B 210 -7.97 -21.68 3.85
CA PHE B 210 -7.94 -23.12 4.13
C PHE B 210 -6.60 -23.73 3.73
N ASN B 211 -6.02 -23.21 2.64
CA ASN B 211 -4.73 -23.70 2.15
C ASN B 211 -3.63 -23.53 3.19
N ALA B 212 -3.68 -22.42 3.92
CA ALA B 212 -2.67 -22.10 4.93
C ALA B 212 -2.85 -22.89 6.21
N TYR B 213 -4.10 -23.20 6.56
CA TYR B 213 -4.42 -23.77 7.87
C TYR B 213 -4.75 -25.26 7.84
N LYS B 214 -4.83 -25.84 6.64
CA LYS B 214 -5.05 -27.28 6.51
C LYS B 214 -3.97 -28.07 7.23
N PRO B 215 -4.34 -29.20 7.85
CA PRO B 215 -3.37 -30.08 8.49
C PRO B 215 -2.60 -30.94 7.47
N PRO B 216 -1.55 -31.65 7.93
CA PRO B 216 -0.72 -32.52 7.10
C PRO B 216 -1.49 -33.41 6.12
N GLY B 217 -0.98 -33.51 4.89
CA GLY B 217 -1.62 -34.32 3.85
C GLY B 217 -2.89 -33.68 3.30
N GLY B 218 -3.05 -32.38 3.53
CA GLY B 218 -4.27 -31.67 3.18
C GLY B 218 -4.31 -31.26 1.72
N LYS B 219 -5.47 -30.82 1.27
CA LYS B 219 -5.63 -30.39 -0.12
C LYS B 219 -6.86 -29.52 -0.31
N VAL B 220 -6.65 -28.28 -0.75
CA VAL B 220 -7.74 -27.42 -1.11
C VAL B 220 -8.01 -27.58 -2.59
N THR B 221 -9.29 -27.74 -2.94
CA THR B 221 -9.69 -27.77 -4.33
C THR B 221 -10.78 -26.72 -4.54
N LEU B 222 -10.58 -25.87 -5.53
CA LEU B 222 -11.59 -24.89 -5.91
C LEU B 222 -12.16 -25.31 -7.26
N CYS B 223 -13.47 -25.49 -7.31
CA CYS B 223 -14.13 -25.81 -8.58
C CYS B 223 -14.97 -24.63 -9.05
N TYR B 224 -15.23 -24.61 -10.35
CA TYR B 224 -16.01 -23.54 -10.96
C TYR B 224 -16.54 -24.02 -12.31
N ARG B 225 -17.83 -23.80 -12.56
CA ARG B 225 -18.53 -24.41 -13.69
C ARG B 225 -18.12 -23.84 -15.06
N ASN B 226 -17.39 -22.74 -15.07
CA ASN B 226 -16.90 -22.14 -16.31
C ASN B 226 -15.38 -22.21 -16.43
N ASN B 227 -14.86 -21.60 -17.49
CA ASN B 227 -13.47 -21.81 -17.91
C ASN B 227 -12.45 -21.10 -17.03
N LEU B 228 -12.76 -19.87 -16.63
CA LEU B 228 -11.79 -19.00 -15.97
C LEU B 228 -12.42 -18.26 -14.79
N ILE B 229 -11.75 -18.30 -13.64
CA ILE B 229 -12.31 -17.72 -12.40
C ILE B 229 -12.32 -16.20 -12.41
N LEU B 230 -13.10 -15.64 -11.47
CA LEU B 230 -13.15 -14.21 -11.24
C LEU B 230 -13.65 -13.43 -12.45
N ARG B 231 -14.82 -13.82 -12.95
CA ARG B 231 -15.53 -13.05 -13.97
C ARG B 231 -15.64 -11.58 -13.54
N GLY B 232 -15.56 -10.68 -14.51
CA GLY B 232 -15.69 -9.24 -14.23
C GLY B 232 -14.37 -8.58 -13.89
N PHE B 233 -13.35 -9.38 -13.58
CA PHE B 233 -12.01 -8.85 -13.34
C PHE B 233 -11.15 -8.92 -14.60
N ASP B 234 -9.99 -8.28 -14.55
CA ASP B 234 -9.07 -8.25 -15.69
C ASP B 234 -8.53 -9.65 -16.01
N GLU B 235 -8.48 -9.98 -17.29
CA GLU B 235 -8.25 -11.35 -17.74
C GLU B 235 -6.84 -11.85 -17.42
N THR B 236 -5.85 -10.97 -17.56
CA THR B 236 -4.47 -11.33 -17.22
C THR B 236 -4.37 -11.66 -15.73
N ILE B 237 -4.99 -10.83 -14.90
CA ILE B 237 -5.02 -11.06 -13.47
C ILE B 237 -5.79 -12.34 -13.14
N ARG B 238 -6.92 -12.55 -13.81
CA ARG B 238 -7.68 -13.79 -13.66
C ARG B 238 -6.79 -15.01 -13.92
N GLU B 239 -6.05 -14.97 -15.03
CA GLU B 239 -5.18 -16.07 -15.41
C GLU B 239 -3.96 -16.18 -14.49
N GLU B 240 -3.44 -15.04 -14.04
CA GLU B 240 -2.29 -15.05 -13.14
C GLU B 240 -2.64 -15.59 -11.77
N VAL B 241 -3.68 -15.05 -11.16
CA VAL B 241 -4.10 -15.52 -9.84
C VAL B 241 -4.43 -17.01 -9.88
N THR B 242 -4.96 -17.49 -11.02
CA THR B 242 -5.14 -18.93 -11.23
C THR B 242 -3.80 -19.66 -11.09
N LYS B 243 -2.78 -19.15 -11.77
CA LYS B 243 -1.44 -19.75 -11.72
C LYS B 243 -0.84 -19.67 -10.31
N GLN B 244 -1.03 -18.53 -9.65
CA GLN B 244 -0.40 -18.30 -8.35
C GLN B 244 -1.06 -19.11 -7.24
N LEU B 245 -2.36 -19.37 -7.40
CA LEU B 245 -3.08 -20.28 -6.51
C LEU B 245 -2.63 -21.71 -6.74
N THR B 246 -2.55 -22.10 -8.02
CA THR B 246 -2.04 -23.41 -8.38
C THR B 246 -0.60 -23.56 -7.91
N ALA B 247 0.17 -22.48 -8.01
CA ALA B 247 1.57 -22.48 -7.62
C ALA B 247 1.76 -22.73 -6.12
N ASN B 248 0.76 -22.34 -5.32
CA ASN B 248 0.85 -22.49 -3.86
C ASN B 248 0.12 -23.73 -3.34
N GLY B 249 -0.31 -24.61 -4.24
CA GLY B 249 -0.81 -25.94 -3.84
C GLY B 249 -2.32 -26.11 -3.93
N ILE B 250 -3.03 -25.13 -4.47
CA ILE B 250 -4.47 -25.21 -4.63
C ILE B 250 -4.82 -25.77 -6.00
N GLU B 251 -5.52 -26.90 -6.01
CA GLU B 251 -6.02 -27.50 -7.26
C GLU B 251 -7.25 -26.72 -7.75
N ILE B 252 -7.15 -26.14 -8.95
CA ILE B 252 -8.29 -25.48 -9.59
C ILE B 252 -9.03 -26.46 -10.51
N MET B 253 -10.34 -26.38 -10.51
CA MET B 253 -11.19 -27.35 -11.19
C MET B 253 -12.21 -26.63 -12.05
N THR B 254 -11.73 -26.02 -13.13
CA THR B 254 -12.58 -25.24 -14.02
C THR B 254 -13.49 -26.12 -14.88
N ASN B 255 -14.54 -25.52 -15.41
CA ASN B 255 -15.55 -26.25 -16.18
C ASN B 255 -16.07 -27.50 -15.47
N GLU B 256 -16.22 -27.40 -14.15
CA GLU B 256 -16.77 -28.48 -13.35
C GLU B 256 -17.79 -27.92 -12.36
N ASN B 257 -18.80 -28.72 -12.02
CA ASN B 257 -19.82 -28.30 -11.07
C ASN B 257 -20.46 -29.48 -10.35
N PRO B 258 -20.58 -29.40 -9.01
CA PRO B 258 -21.14 -30.52 -8.27
C PRO B 258 -22.56 -30.85 -8.72
N ALA B 259 -22.89 -32.14 -8.67
CA ALA B 259 -24.22 -32.64 -9.03
C ALA B 259 -24.95 -33.18 -7.81
N LYS B 260 -24.20 -33.75 -6.88
CA LYS B 260 -24.75 -34.25 -5.62
C LYS B 260 -23.64 -34.48 -4.60
N VAL B 261 -24.03 -34.64 -3.34
CA VAL B 261 -23.09 -34.93 -2.26
C VAL B 261 -23.69 -36.01 -1.38
N SER B 262 -22.88 -37.01 -1.04
CA SER B 262 -23.32 -38.05 -0.12
C SER B 262 -22.31 -38.20 1.01
N LEU B 263 -22.75 -38.78 2.12
CA LEU B 263 -21.91 -38.98 3.28
C LEU B 263 -21.17 -40.31 3.19
N ASN B 264 -19.89 -40.29 3.52
CA ASN B 264 -19.12 -41.52 3.70
C ASN B 264 -19.28 -42.04 5.13
N THR B 265 -18.68 -43.19 5.40
CA THR B 265 -18.81 -43.85 6.69
C THR B 265 -18.18 -43.02 7.81
N ASP B 266 -17.03 -42.41 7.54
CA ASP B 266 -16.32 -41.61 8.54
C ASP B 266 -16.86 -40.18 8.67
N GLY B 267 -17.83 -39.83 7.82
CA GLY B 267 -18.48 -38.53 7.90
C GLY B 267 -17.98 -37.53 6.86
N SER B 268 -17.01 -37.96 6.04
CA SER B 268 -16.51 -37.14 4.96
C SER B 268 -17.54 -37.07 3.83
N LYS B 269 -17.27 -36.23 2.83
CA LYS B 269 -18.23 -35.93 1.77
C LYS B 269 -17.79 -36.49 0.43
N HIS B 270 -18.66 -37.27 -0.21
CA HIS B 270 -18.40 -37.79 -1.56
C HIS B 270 -19.13 -36.94 -2.58
N VAL B 271 -18.39 -36.07 -3.26
CA VAL B 271 -18.98 -35.19 -4.27
C VAL B 271 -18.96 -35.88 -5.62
N THR B 272 -20.08 -35.79 -6.33
CA THR B 272 -20.12 -36.17 -7.73
C THR B 272 -20.43 -34.94 -8.56
N PHE B 273 -19.59 -34.67 -9.55
CA PHE B 273 -19.78 -33.52 -10.42
C PHE B 273 -20.68 -33.92 -11.58
N GLU B 274 -21.19 -32.93 -12.31
CA GLU B 274 -22.03 -33.18 -13.49
C GLU B 274 -21.28 -34.00 -14.54
N SER B 275 -19.98 -33.77 -14.65
CA SER B 275 -19.14 -34.50 -15.60
C SER B 275 -18.96 -35.98 -15.25
N GLY B 276 -19.29 -36.34 -14.00
CA GLY B 276 -19.18 -37.72 -13.54
C GLY B 276 -17.97 -37.96 -12.66
N LYS B 277 -17.04 -37.02 -12.66
CA LYS B 277 -15.86 -37.12 -11.80
C LYS B 277 -16.28 -37.10 -10.34
N THR B 278 -15.48 -37.74 -9.48
CA THR B 278 -15.79 -37.80 -8.05
C THR B 278 -14.64 -37.26 -7.23
N LEU B 279 -14.95 -36.87 -6.00
CA LEU B 279 -13.97 -36.29 -5.09
C LEU B 279 -14.46 -36.44 -3.65
N ASP B 280 -13.59 -36.96 -2.79
CA ASP B 280 -13.86 -37.01 -1.37
C ASP B 280 -13.23 -35.79 -0.68
N VAL B 281 -14.03 -35.11 0.14
CA VAL B 281 -13.55 -33.99 0.94
C VAL B 281 -14.16 -33.98 2.34
N ASP B 282 -13.61 -33.17 3.23
CA ASP B 282 -14.14 -33.05 4.58
C ASP B 282 -15.14 -31.89 4.70
N VAL B 283 -15.05 -30.94 3.79
CA VAL B 283 -15.98 -29.82 3.76
C VAL B 283 -16.26 -29.38 2.33
N VAL B 284 -17.53 -29.13 2.04
CA VAL B 284 -17.92 -28.51 0.79
C VAL B 284 -18.52 -27.14 1.10
N MET B 285 -17.82 -26.07 0.70
CA MET B 285 -18.28 -24.72 0.94
C MET B 285 -18.83 -24.12 -0.34
N MET B 286 -20.13 -23.81 -0.35
CA MET B 286 -20.75 -23.20 -1.50
C MET B 286 -20.58 -21.68 -1.44
N ALA B 287 -19.91 -21.15 -2.45
CA ALA B 287 -19.79 -19.71 -2.61
C ALA B 287 -20.08 -19.37 -4.06
N ILE B 288 -21.25 -19.79 -4.53
CA ILE B 288 -21.62 -19.63 -5.94
C ILE B 288 -22.36 -18.32 -6.20
N GLY B 289 -22.66 -17.58 -5.14
CA GLY B 289 -23.35 -16.30 -5.29
C GLY B 289 -24.07 -15.87 -4.01
N ARG B 290 -24.49 -14.62 -3.97
CA ARG B 290 -25.28 -14.09 -2.85
C ARG B 290 -26.51 -13.37 -3.39
N ILE B 291 -27.65 -13.60 -2.76
CA ILE B 291 -28.92 -13.08 -3.26
C ILE B 291 -29.58 -12.16 -2.25
N PRO B 292 -30.29 -11.12 -2.74
CA PRO B 292 -30.84 -10.10 -1.87
C PRO B 292 -31.80 -10.70 -0.85
N ARG B 293 -31.71 -10.24 0.40
CA ARG B 293 -32.44 -10.83 1.51
C ARG B 293 -33.82 -10.18 1.64
N THR B 294 -34.75 -10.64 0.79
CA THR B 294 -36.09 -10.08 0.70
C THR B 294 -37.13 -11.02 1.30
N ASN B 295 -36.69 -12.19 1.74
CA ASN B 295 -37.58 -13.29 2.14
C ASN B 295 -38.57 -12.90 3.24
N ASP B 296 -38.06 -12.23 4.27
CA ASP B 296 -38.76 -12.11 5.55
C ASP B 296 -39.37 -10.73 5.78
N LEU B 297 -39.25 -9.84 4.80
CA LEU B 297 -39.64 -8.44 4.97
C LEU B 297 -41.12 -8.18 4.67
N GLN B 298 -41.83 -9.18 4.14
CA GLN B 298 -43.26 -9.05 3.92
C GLN B 298 -43.57 -7.88 2.96
N LEU B 299 -42.78 -7.79 1.90
CA LEU B 299 -42.85 -6.65 0.98
C LEU B 299 -44.18 -6.59 0.23
N GLY B 300 -44.83 -7.73 0.09
CA GLY B 300 -46.11 -7.83 -0.60
C GLY B 300 -47.25 -7.13 0.12
N ASN B 301 -47.15 -7.03 1.44
CA ASN B 301 -48.15 -6.33 2.24
C ASN B 301 -48.34 -4.88 1.82
N VAL B 302 -47.25 -4.23 1.41
CA VAL B 302 -47.29 -2.82 1.02
C VAL B 302 -47.09 -2.63 -0.48
N GLY B 303 -46.60 -3.66 -1.16
CA GLY B 303 -46.43 -3.61 -2.60
C GLY B 303 -45.11 -3.00 -3.04
N VAL B 304 -44.04 -3.28 -2.30
CA VAL B 304 -42.70 -2.89 -2.74
C VAL B 304 -42.27 -3.78 -3.90
N LYS B 305 -41.80 -3.16 -4.99
CA LYS B 305 -41.51 -3.88 -6.23
C LYS B 305 -40.07 -4.38 -6.30
N LEU B 306 -39.89 -5.57 -6.86
CA LEU B 306 -38.57 -6.15 -7.07
C LEU B 306 -38.13 -6.01 -8.52
N THR B 307 -36.82 -5.96 -8.72
CA THR B 307 -36.22 -6.02 -10.06
C THR B 307 -36.43 -7.41 -10.65
N PRO B 308 -36.47 -7.54 -11.99
CA PRO B 308 -36.53 -8.87 -12.57
C PRO B 308 -35.42 -9.81 -12.09
N LYS B 309 -34.34 -9.22 -11.57
CA LYS B 309 -33.21 -9.99 -11.06
C LYS B 309 -33.42 -10.46 -9.62
N GLY B 310 -34.31 -9.78 -8.89
CA GLY B 310 -34.70 -10.22 -7.54
C GLY B 310 -34.39 -9.22 -6.43
N GLY B 311 -33.64 -8.18 -6.75
CA GLY B 311 -33.34 -7.12 -5.80
C GLY B 311 -34.49 -6.13 -5.70
N VAL B 312 -34.48 -5.32 -4.64
CA VAL B 312 -35.49 -4.29 -4.44
C VAL B 312 -35.24 -3.16 -5.44
N GLN B 313 -36.25 -2.86 -6.25
CA GLN B 313 -36.10 -1.83 -7.28
C GLN B 313 -36.05 -0.45 -6.64
N VAL B 314 -35.05 0.33 -7.02
CA VAL B 314 -34.89 1.69 -6.53
C VAL B 314 -34.41 2.63 -7.63
N ASP B 315 -34.84 3.89 -7.55
CA ASP B 315 -34.28 4.93 -8.42
C ASP B 315 -32.93 5.39 -7.86
N GLU B 316 -32.29 6.34 -8.54
CA GLU B 316 -30.93 6.75 -8.22
C GLU B 316 -30.79 7.39 -6.84
N PHE B 317 -31.92 7.69 -6.19
CA PHE B 317 -31.92 8.21 -4.83
C PHE B 317 -32.45 7.16 -3.84
N SER B 318 -32.28 5.88 -4.19
CA SER B 318 -32.61 4.75 -3.31
C SER B 318 -34.08 4.66 -2.93
N ARG B 319 -34.96 5.29 -3.70
CA ARG B 319 -36.40 5.26 -3.42
C ARG B 319 -37.06 4.07 -4.10
N THR B 320 -37.92 3.39 -3.37
CA THR B 320 -38.74 2.31 -3.93
C THR B 320 -39.95 2.91 -4.65
N ASN B 321 -40.83 2.05 -5.15
CA ASN B 321 -42.09 2.49 -5.77
C ASN B 321 -43.08 3.02 -4.73
N VAL B 322 -42.94 2.58 -3.48
CA VAL B 322 -43.79 3.03 -2.40
C VAL B 322 -43.16 4.26 -1.71
N PRO B 323 -43.88 5.39 -1.69
CA PRO B 323 -43.29 6.62 -1.18
C PRO B 323 -42.90 6.51 0.30
N ASN B 324 -41.76 7.11 0.63
CA ASN B 324 -41.20 7.09 1.99
C ASN B 324 -40.64 5.72 2.42
N ILE B 325 -40.55 4.79 1.46
CA ILE B 325 -39.84 3.54 1.68
C ILE B 325 -38.64 3.46 0.75
N TYR B 326 -37.47 3.18 1.31
CA TYR B 326 -36.21 3.21 0.57
C TYR B 326 -35.47 1.90 0.75
N ALA B 327 -34.45 1.69 -0.07
CA ALA B 327 -33.61 0.50 0.05
C ALA B 327 -32.18 0.80 -0.40
N ILE B 328 -31.20 0.24 0.31
CA ILE B 328 -29.80 0.39 -0.04
C ILE B 328 -29.00 -0.88 0.25
N GLY B 329 -27.77 -0.93 -0.24
CA GLY B 329 -26.86 -2.03 0.07
C GLY B 329 -27.16 -3.26 -0.76
N ASP B 330 -26.78 -4.43 -0.25
CA ASP B 330 -26.87 -5.67 -1.01
C ASP B 330 -28.30 -6.07 -1.41
N ILE B 331 -29.31 -5.58 -0.67
CA ILE B 331 -30.70 -5.88 -0.99
C ILE B 331 -31.12 -5.32 -2.36
N THR B 332 -30.45 -4.25 -2.80
CA THR B 332 -30.71 -3.67 -4.13
C THR B 332 -29.97 -4.40 -5.26
N ASP B 333 -29.04 -5.28 -4.89
CA ASP B 333 -28.41 -6.20 -5.84
C ASP B 333 -27.64 -5.48 -6.96
N ARG B 334 -26.93 -4.41 -6.60
CA ARG B 334 -26.04 -3.71 -7.53
C ARG B 334 -24.60 -4.08 -7.19
N LEU B 335 -23.85 -3.14 -6.60
CA LEU B 335 -22.50 -3.43 -6.13
C LEU B 335 -22.55 -3.86 -4.68
N MET B 336 -22.36 -5.15 -4.43
CA MET B 336 -22.40 -5.68 -3.08
C MET B 336 -21.07 -5.39 -2.37
N LEU B 337 -20.91 -4.12 -1.97
CA LEU B 337 -19.71 -3.67 -1.28
C LEU B 337 -20.08 -2.78 -0.10
N THR B 338 -19.32 -2.90 0.99
CA THR B 338 -19.62 -2.18 2.23
C THR B 338 -19.59 -0.65 2.07
N PRO B 339 -18.51 -0.09 1.51
CA PRO B 339 -18.45 1.37 1.35
C PRO B 339 -19.55 1.94 0.45
N VAL B 340 -20.03 1.14 -0.50
CA VAL B 340 -21.09 1.58 -1.40
C VAL B 340 -22.42 1.68 -0.65
N ALA B 341 -22.71 0.67 0.16
CA ALA B 341 -23.87 0.71 1.04
C ALA B 341 -23.77 1.91 1.99
N ILE B 342 -22.58 2.12 2.56
CA ILE B 342 -22.35 3.24 3.45
C ILE B 342 -22.60 4.57 2.74
N ASN B 343 -22.06 4.70 1.53
CA ASN B 343 -22.27 5.91 0.75
C ASN B 343 -23.73 6.09 0.38
N GLU B 344 -24.40 5.00 0.05
CA GLU B 344 -25.82 5.03 -0.30
C GLU B 344 -26.67 5.48 0.89
N GLY B 345 -26.31 5.03 2.07
CA GLY B 345 -27.02 5.42 3.30
C GLY B 345 -26.82 6.88 3.65
N ALA B 346 -25.58 7.35 3.52
CA ALA B 346 -25.27 8.75 3.76
C ALA B 346 -25.97 9.65 2.75
N ALA B 347 -25.92 9.28 1.48
CA ALA B 347 -26.57 10.06 0.43
C ALA B 347 -28.07 10.15 0.67
N LEU B 348 -28.64 9.07 1.21
CA LEU B 348 -30.08 9.00 1.46
C LEU B 348 -30.51 9.94 2.58
N VAL B 349 -29.74 9.96 3.67
CA VAL B 349 -30.06 10.80 4.81
C VAL B 349 -29.86 12.29 4.49
N ASP B 350 -28.82 12.61 3.73
CA ASP B 350 -28.60 13.98 3.24
C ASP B 350 -29.80 14.48 2.44
N THR B 351 -30.33 13.62 1.58
CA THR B 351 -31.42 13.99 0.69
C THR B 351 -32.72 14.19 1.45
N VAL B 352 -33.05 13.23 2.31
CA VAL B 352 -34.36 13.19 2.96
C VAL B 352 -34.47 14.15 4.14
N PHE B 353 -33.41 14.24 4.95
CA PHE B 353 -33.43 15.04 6.17
C PHE B 353 -32.59 16.30 6.09
N GLY B 354 -31.60 16.31 5.20
CA GLY B 354 -30.86 17.52 4.87
C GLY B 354 -31.52 18.23 3.71
N ASN B 355 -30.99 19.38 3.33
CA ASN B 355 -31.57 20.16 2.22
C ASN B 355 -30.61 20.25 1.04
N LYS B 356 -30.10 19.10 0.60
CA LYS B 356 -29.35 19.02 -0.64
C LYS B 356 -29.33 17.56 -1.12
N PRO B 357 -29.93 17.30 -2.30
CA PRO B 357 -29.97 15.94 -2.84
C PRO B 357 -28.59 15.39 -3.17
N ARG B 358 -28.34 14.15 -2.77
CA ARG B 358 -27.08 13.47 -3.07
C ARG B 358 -27.38 12.05 -3.55
N LYS B 359 -26.56 11.56 -4.47
CA LYS B 359 -26.68 10.20 -4.97
C LYS B 359 -25.31 9.56 -5.16
N THR B 360 -25.24 8.27 -4.87
CA THR B 360 -23.99 7.53 -4.95
C THR B 360 -23.60 7.32 -6.41
N ASP B 361 -22.40 7.76 -6.76
CA ASP B 361 -21.79 7.41 -8.04
C ASP B 361 -21.31 5.98 -7.96
N HIS B 362 -21.84 5.12 -8.83
CA HIS B 362 -21.54 3.70 -8.79
C HIS B 362 -20.42 3.31 -9.75
N THR B 363 -20.00 4.25 -10.61
CA THR B 363 -18.90 3.99 -11.54
C THR B 363 -17.56 4.29 -10.87
N ARG B 364 -16.49 3.75 -11.46
CA ARG B 364 -15.13 4.06 -11.03
C ARG B 364 -14.94 3.82 -9.52
N VAL B 365 -15.58 2.78 -9.01
CA VAL B 365 -15.47 2.41 -7.59
C VAL B 365 -14.31 1.46 -7.39
N ALA B 366 -13.37 1.84 -6.55
CA ALA B 366 -12.23 0.99 -6.24
C ALA B 366 -12.69 -0.19 -5.39
N SER B 367 -12.12 -1.37 -5.67
CA SER B 367 -12.50 -2.60 -4.98
C SER B 367 -11.30 -3.53 -4.88
N ALA B 368 -11.42 -4.58 -4.06
CA ALA B 368 -10.28 -5.48 -3.83
C ALA B 368 -10.69 -6.95 -3.78
N VAL B 369 -9.71 -7.81 -3.99
CA VAL B 369 -9.84 -9.23 -3.70
C VAL B 369 -8.63 -9.65 -2.90
N PHE B 370 -8.86 -10.23 -1.73
CA PHE B 370 -7.77 -10.57 -0.83
C PHE B 370 -7.29 -12.00 -1.02
N SER B 371 -7.01 -12.33 -2.28
CA SER B 371 -6.16 -13.47 -2.60
C SER B 371 -4.75 -13.23 -2.07
N ILE B 372 -3.89 -14.23 -2.18
CA ILE B 372 -2.50 -14.08 -1.79
C ILE B 372 -1.62 -14.40 -3.00
N PRO B 373 -1.01 -13.37 -3.60
CA PRO B 373 -1.19 -11.95 -3.29
C PRO B 373 -2.51 -11.39 -3.81
N PRO B 374 -2.90 -10.19 -3.33
CA PRO B 374 -4.24 -9.64 -3.52
C PRO B 374 -4.42 -8.87 -4.81
N ILE B 375 -5.67 -8.58 -5.14
CA ILE B 375 -6.02 -7.75 -6.29
C ILE B 375 -6.50 -6.39 -5.81
N GLY B 376 -6.07 -5.34 -6.49
CA GLY B 376 -6.64 -4.00 -6.31
C GLY B 376 -7.08 -3.48 -7.67
N THR B 377 -8.29 -2.94 -7.74
CA THR B 377 -8.84 -2.54 -9.03
C THR B 377 -9.84 -1.39 -8.92
N CYS B 378 -9.94 -0.61 -9.99
CA CYS B 378 -10.87 0.50 -10.07
C CYS B 378 -11.14 0.84 -11.54
N GLY B 379 -12.42 1.01 -11.88
CA GLY B 379 -12.80 1.39 -13.24
C GLY B 379 -13.05 0.20 -14.14
N LEU B 380 -13.00 0.43 -15.45
CA LEU B 380 -13.41 -0.58 -16.43
C LEU B 380 -12.27 -1.52 -16.81
N ILE B 381 -12.64 -2.72 -17.25
CA ILE B 381 -11.69 -3.67 -17.82
C ILE B 381 -11.67 -3.54 -19.35
N GLU B 382 -10.61 -4.06 -19.97
CA GLU B 382 -10.35 -3.86 -21.41
C GLU B 382 -11.61 -4.05 -22.25
N GLU B 383 -12.28 -5.18 -22.02
CA GLU B 383 -13.36 -5.65 -22.89
C GLU B 383 -14.56 -4.71 -22.84
N VAL B 384 -14.90 -4.25 -21.65
CA VAL B 384 -16.03 -3.32 -21.46
C VAL B 384 -15.70 -1.97 -22.08
N ALA B 385 -14.46 -1.53 -21.93
CA ALA B 385 -14.01 -0.25 -22.47
C ALA B 385 -14.07 -0.25 -24.00
N ALA B 386 -13.85 -1.42 -24.59
CA ALA B 386 -13.84 -1.56 -26.05
C ALA B 386 -15.25 -1.53 -26.66
N LYS B 387 -16.28 -1.72 -25.84
CA LYS B 387 -17.66 -1.57 -26.29
C LYS B 387 -18.11 -0.11 -26.18
N GLU B 388 -17.63 0.57 -25.15
CA GLU B 388 -18.04 1.94 -24.85
C GLU B 388 -17.33 2.96 -25.74
N PHE B 389 -16.04 2.73 -25.98
CA PHE B 389 -15.20 3.72 -26.68
C PHE B 389 -14.65 3.18 -27.99
N GLU B 390 -14.38 4.09 -28.92
CA GLU B 390 -13.90 3.74 -30.25
C GLU B 390 -12.42 3.37 -30.21
N LYS B 391 -11.61 4.26 -29.65
CA LYS B 391 -10.18 4.02 -29.48
C LYS B 391 -9.85 3.75 -28.02
N VAL B 392 -9.20 2.62 -27.75
CA VAL B 392 -8.83 2.25 -26.38
C VAL B 392 -7.38 1.78 -26.32
N ALA B 393 -6.59 2.42 -25.45
CA ALA B 393 -5.21 2.01 -25.20
C ALA B 393 -5.14 1.11 -23.98
N VAL B 394 -4.10 0.28 -23.92
CA VAL B 394 -3.87 -0.58 -22.76
C VAL B 394 -2.40 -0.62 -22.40
N TYR B 395 -2.04 0.10 -21.34
CA TYR B 395 -0.69 0.08 -20.80
C TYR B 395 -0.56 -1.09 -19.84
N MET B 396 0.58 -1.78 -19.89
CA MET B 396 0.76 -3.01 -19.13
C MET B 396 2.20 -3.17 -18.65
N SER B 397 2.33 -3.75 -17.46
CA SER B 397 3.64 -4.05 -16.87
C SER B 397 3.50 -5.25 -15.95
N SER B 398 4.34 -6.26 -16.15
CA SER B 398 4.20 -7.53 -15.43
C SER B 398 5.55 -8.21 -15.24
N PHE B 399 5.86 -8.58 -14.00
CA PHE B 399 7.15 -9.16 -13.68
C PHE B 399 7.13 -9.71 -12.25
N THR B 400 7.98 -10.69 -11.99
CA THR B 400 8.25 -11.12 -10.63
C THR B 400 9.20 -10.12 -9.98
N PRO B 401 8.74 -9.42 -8.93
CA PRO B 401 9.59 -8.41 -8.29
C PRO B 401 10.85 -9.01 -7.69
N LEU B 402 11.88 -8.17 -7.55
CA LEU B 402 13.17 -8.61 -7.02
C LEU B 402 13.01 -9.33 -5.68
N MET B 403 12.22 -8.73 -4.80
CA MET B 403 11.97 -9.27 -3.47
C MET B 403 11.56 -10.74 -3.51
N HIS B 404 10.75 -11.11 -4.50
CA HIS B 404 10.22 -12.46 -4.60
C HIS B 404 11.15 -13.44 -5.31
N ASN B 405 12.04 -12.92 -6.16
CA ASN B 405 13.14 -13.72 -6.69
C ASN B 405 14.09 -14.13 -5.57
N ILE B 406 14.25 -13.27 -4.57
CA ILE B 406 15.03 -13.60 -3.38
C ILE B 406 14.24 -14.45 -2.39
N SER B 407 12.94 -14.17 -2.27
CA SER B 407 12.08 -14.90 -1.32
C SER B 407 11.95 -16.38 -1.70
N GLY B 408 11.99 -16.67 -3.00
CA GLY B 408 11.77 -18.02 -3.49
C GLY B 408 10.41 -18.20 -4.12
N SER B 409 9.54 -17.20 -3.98
CA SER B 409 8.21 -17.23 -4.58
C SER B 409 8.23 -16.53 -5.92
N LYS B 410 8.89 -17.16 -6.89
CA LYS B 410 9.09 -16.54 -8.21
C LYS B 410 7.79 -16.54 -9.00
N TYR B 411 6.88 -17.44 -8.62
CA TYR B 411 5.55 -17.50 -9.22
C TYR B 411 4.74 -16.22 -9.01
N LYS B 412 5.06 -15.49 -7.94
CA LYS B 412 4.31 -14.27 -7.60
C LYS B 412 4.61 -13.14 -8.57
N LYS B 413 4.01 -13.22 -9.76
CA LYS B 413 4.24 -12.22 -10.79
C LYS B 413 3.31 -11.02 -10.58
N PHE B 414 3.92 -9.86 -10.33
CA PHE B 414 3.17 -8.61 -10.20
C PHE B 414 2.52 -8.24 -11.52
N VAL B 415 1.37 -7.57 -11.47
CA VAL B 415 0.69 -7.10 -12.67
C VAL B 415 0.10 -5.71 -12.44
N ALA B 416 0.54 -4.76 -13.25
CA ALA B 416 -0.09 -3.43 -13.29
C ALA B 416 -0.66 -3.20 -14.68
N LYS B 417 -1.87 -2.64 -14.73
CA LYS B 417 -2.52 -2.35 -16.00
C LYS B 417 -3.29 -1.04 -15.92
N ILE B 418 -3.19 -0.24 -16.97
CA ILE B 418 -3.99 0.97 -17.10
C ILE B 418 -4.74 0.95 -18.43
N VAL B 419 -6.06 1.04 -18.34
CA VAL B 419 -6.91 1.10 -19.53
C VAL B 419 -7.30 2.55 -19.78
N THR B 420 -7.09 3.00 -21.01
CA THR B 420 -7.29 4.41 -21.38
C THR B 420 -8.19 4.52 -22.61
N ASN B 421 -9.01 5.57 -22.63
CA ASN B 421 -9.59 6.05 -23.88
C ASN B 421 -8.53 6.88 -24.60
N HIS B 422 -8.05 6.37 -25.74
CA HIS B 422 -6.90 6.97 -26.42
C HIS B 422 -7.23 8.33 -27.06
N SER B 423 -8.50 8.59 -27.32
CA SER B 423 -8.92 9.85 -27.93
C SER B 423 -8.46 11.07 -27.13
N ASP B 424 -8.62 11.03 -25.81
CA ASP B 424 -8.18 12.12 -24.93
C ASP B 424 -7.15 11.68 -23.87
N GLY B 425 -7.03 10.38 -23.64
CA GLY B 425 -6.03 9.85 -22.71
C GLY B 425 -6.55 9.65 -21.29
N THR B 426 -7.85 9.86 -21.08
CA THR B 426 -8.45 9.70 -19.75
C THR B 426 -8.42 8.23 -19.32
N VAL B 427 -8.02 8.00 -18.07
CA VAL B 427 -7.93 6.64 -17.53
C VAL B 427 -9.34 6.13 -17.23
N LEU B 428 -9.66 4.97 -17.79
CA LEU B 428 -10.97 4.35 -17.59
C LEU B 428 -10.90 3.23 -16.56
N GLY B 429 -9.73 2.63 -16.41
CA GLY B 429 -9.57 1.51 -15.49
C GLY B 429 -8.12 1.27 -15.09
N VAL B 430 -7.93 0.97 -13.81
CA VAL B 430 -6.63 0.54 -13.30
C VAL B 430 -6.80 -0.81 -12.61
N HIS B 431 -5.84 -1.71 -12.79
CA HIS B 431 -5.93 -3.05 -12.24
C HIS B 431 -4.56 -3.52 -11.78
N LEU B 432 -4.53 -4.11 -10.59
CA LEU B 432 -3.28 -4.46 -9.93
C LEU B 432 -3.36 -5.86 -9.36
N LEU B 433 -2.21 -6.54 -9.33
CA LEU B 433 -2.09 -7.83 -8.67
C LEU B 433 -0.73 -7.93 -8.01
N GLY B 434 -0.72 -8.03 -6.68
CA GLY B 434 0.52 -8.17 -5.92
C GLY B 434 0.43 -7.54 -4.56
N ASP B 435 1.50 -7.68 -3.78
CA ASP B 435 1.58 -7.09 -2.45
C ASP B 435 1.16 -5.62 -2.49
N GLY B 436 0.26 -5.25 -1.59
CA GLY B 436 -0.12 -3.85 -1.40
C GLY B 436 -1.08 -3.30 -2.45
N ALA B 437 -1.55 -4.15 -3.36
CA ALA B 437 -2.42 -3.69 -4.45
C ALA B 437 -3.67 -2.96 -3.95
N PRO B 438 -4.35 -3.51 -2.93
CA PRO B 438 -5.56 -2.84 -2.41
C PRO B 438 -5.27 -1.48 -1.81
N GLU B 439 -4.13 -1.34 -1.15
CA GLU B 439 -3.71 -0.06 -0.56
C GLU B 439 -3.39 0.96 -1.66
N ILE B 440 -2.70 0.49 -2.69
CA ILE B 440 -2.31 1.35 -3.82
C ILE B 440 -3.52 1.93 -4.54
N ILE B 441 -4.53 1.10 -4.78
CA ILE B 441 -5.65 1.45 -5.66
C ILE B 441 -6.59 2.51 -5.05
N GLN B 442 -6.46 2.77 -3.75
CA GLN B 442 -7.38 3.66 -3.06
C GLN B 442 -7.31 5.09 -3.59
N ALA B 443 -6.10 5.64 -3.63
CA ALA B 443 -5.89 6.99 -4.12
C ALA B 443 -6.08 7.06 -5.63
N VAL B 444 -5.94 5.90 -6.30
CA VAL B 444 -6.25 5.80 -7.72
C VAL B 444 -7.73 6.08 -7.96
N GLY B 445 -8.57 5.69 -7.01
CA GLY B 445 -10.00 6.01 -7.07
C GLY B 445 -10.24 7.51 -7.09
N VAL B 446 -9.43 8.25 -6.32
CA VAL B 446 -9.51 9.71 -6.27
C VAL B 446 -9.07 10.31 -7.59
N CYS B 447 -8.02 9.74 -8.18
CA CYS B 447 -7.52 10.20 -9.47
C CYS B 447 -8.61 10.09 -10.53
N LEU B 448 -9.25 8.93 -10.62
CA LEU B 448 -10.23 8.68 -11.67
C LEU B 448 -11.47 9.56 -11.50
N ARG B 449 -11.83 9.85 -10.26
CA ARG B 449 -12.91 10.80 -9.98
C ARG B 449 -12.55 12.17 -10.55
N LEU B 450 -11.26 12.49 -10.54
CA LEU B 450 -10.76 13.73 -11.14
C LEU B 450 -10.50 13.60 -12.65
N ASN B 451 -10.97 12.50 -13.25
CA ASN B 451 -10.83 12.29 -14.70
C ASN B 451 -9.38 12.40 -15.17
N ALA B 452 -8.50 11.67 -14.49
CA ALA B 452 -7.08 11.76 -14.75
C ALA B 452 -6.70 11.11 -16.07
N LYS B 453 -5.67 11.65 -16.70
CA LYS B 453 -5.17 11.11 -17.96
C LYS B 453 -3.87 10.37 -17.73
N ILE B 454 -3.55 9.44 -18.63
CA ILE B 454 -2.31 8.68 -18.52
C ILE B 454 -1.09 9.59 -18.38
N SER B 455 -1.13 10.74 -19.04
CA SER B 455 -0.04 11.71 -18.94
C SER B 455 0.16 12.19 -17.49
N ASP B 456 -0.94 12.33 -16.76
CA ASP B 456 -0.87 12.77 -15.36
C ASP B 456 -0.14 11.75 -14.49
N PHE B 457 -0.20 10.47 -14.88
CA PHE B 457 0.49 9.43 -14.14
C PHE B 457 1.98 9.38 -14.44
N TYR B 458 2.34 9.26 -15.72
CA TYR B 458 3.76 9.15 -16.08
C TYR B 458 4.55 10.45 -15.93
N ASN B 459 3.85 11.59 -15.88
CA ASN B 459 4.50 12.86 -15.55
C ASN B 459 4.62 13.09 -14.05
N THR B 460 3.90 12.30 -13.26
CA THR B 460 4.06 12.33 -11.79
C THR B 460 5.34 11.61 -11.40
N ILE B 461 6.06 12.18 -10.45
CA ILE B 461 7.35 11.62 -10.04
C ILE B 461 7.15 10.41 -9.12
N GLY B 462 7.87 9.33 -9.41
CA GLY B 462 7.68 8.06 -8.72
C GLY B 462 8.26 8.05 -7.32
N VAL B 463 7.74 7.16 -6.47
CA VAL B 463 8.31 6.92 -5.16
C VAL B 463 9.12 5.63 -5.24
N HIS B 464 10.38 5.69 -4.83
CA HIS B 464 11.31 4.60 -5.10
C HIS B 464 11.96 4.07 -3.83
N PRO B 465 12.03 2.74 -3.66
CA PRO B 465 11.48 1.67 -4.51
C PRO B 465 10.12 1.16 -4.02
N THR B 466 9.15 1.13 -4.92
CA THR B 466 7.81 0.61 -4.61
C THR B 466 7.21 -0.10 -5.81
N SER B 467 6.16 -0.86 -5.57
CA SER B 467 5.37 -1.45 -6.65
C SER B 467 4.53 -0.39 -7.35
N ALA B 468 4.00 0.55 -6.57
CA ALA B 468 3.09 1.58 -7.11
C ALA B 468 3.79 2.43 -8.16
N GLU B 469 5.05 2.76 -7.89
CA GLU B 469 5.92 3.47 -8.83
C GLU B 469 5.66 3.08 -10.29
N GLU B 470 5.40 1.80 -10.51
CA GLU B 470 5.20 1.27 -11.86
C GLU B 470 4.01 1.91 -12.60
N LEU B 471 3.09 2.51 -11.85
CA LEU B 471 1.95 3.21 -12.46
C LEU B 471 2.37 4.51 -13.11
N CYS B 472 3.49 5.07 -12.66
CA CYS B 472 4.00 6.34 -13.17
C CYS B 472 5.20 6.14 -14.10
N SER B 473 5.28 4.96 -14.71
CA SER B 473 6.41 4.59 -15.56
C SER B 473 5.96 3.88 -16.84
N MET B 474 4.71 4.08 -17.23
CA MET B 474 4.15 3.45 -18.42
C MET B 474 3.71 4.54 -19.39
N ARG B 475 4.54 4.79 -20.40
CA ARG B 475 4.41 5.98 -21.25
C ARG B 475 3.84 5.67 -22.63
N THR B 476 4.00 4.43 -23.10
CA THR B 476 3.46 4.01 -24.40
C THR B 476 2.70 2.69 -24.29
N PRO B 477 1.52 2.60 -24.93
CA PRO B 477 0.66 1.42 -24.88
C PRO B 477 1.37 0.12 -25.25
N SER B 478 1.10 -0.95 -24.51
CA SER B 478 1.55 -2.29 -24.89
C SER B 478 0.73 -2.85 -26.05
N TYR B 479 -0.54 -2.44 -26.11
CA TYR B 479 -1.39 -2.73 -27.27
C TYR B 479 -2.64 -1.85 -27.26
N TYR B 480 -3.50 -2.02 -28.27
CA TYR B 480 -4.67 -1.17 -28.46
C TYR B 480 -5.94 -2.00 -28.70
N TYR B 481 -7.08 -1.35 -28.52
CA TYR B 481 -8.38 -1.88 -28.93
C TYR B 481 -9.07 -0.80 -29.77
N VAL B 482 -9.19 -1.01 -31.07
CA VAL B 482 -9.86 -0.04 -31.94
C VAL B 482 -11.12 -0.62 -32.57
N LYS B 483 -12.22 0.11 -32.41
CA LYS B 483 -13.53 -0.32 -32.91
C LYS B 483 -13.94 -1.70 -32.38
N GLY B 484 -13.45 -2.05 -31.19
CA GLY B 484 -13.79 -3.33 -30.56
C GLY B 484 -12.79 -4.45 -30.79
N GLU B 485 -11.84 -4.25 -31.69
CA GLU B 485 -10.89 -5.31 -32.06
C GLU B 485 -9.50 -5.06 -31.46
N LYS B 486 -8.91 -6.11 -30.92
CA LYS B 486 -7.56 -6.04 -30.34
C LYS B 486 -6.52 -6.04 -31.44
N MET B 487 -5.42 -5.33 -31.19
CA MET B 487 -4.28 -5.32 -32.11
C MET B 487 -3.04 -4.76 -31.44
N GLU B 488 -1.88 -5.36 -31.73
CA GLU B 488 -0.62 -4.99 -31.09
C GLU B 488 -0.05 -3.65 -31.57
N LYS B 489 -0.84 -2.93 -32.36
CA LYS B 489 -0.39 -1.69 -33.02
C LYS B 489 -1.61 -0.91 -33.50
N LEU B 490 -1.38 0.26 -34.09
CA LEU B 490 -2.48 1.08 -34.63
C LEU B 490 -2.77 0.74 -36.09
#